data_9FBM
#
_entry.id   9FBM
#
_cell.length_a   78.016
_cell.length_b   208.360
_cell.length_c   76.718
_cell.angle_alpha   90.000
_cell.angle_beta   90.000
_cell.angle_gamma   90.000
#
_symmetry.space_group_name_H-M   'P 21 21 2'
#
loop_
_entity.id
_entity.type
_entity.pdbx_description
1 polymer 'Casein kinase II subunit alpha'
2 polymer 'Cyclic peptidomimetic compound FMP37'
3 non-polymer 'NICOTINIC ACID'
4 non-polymer 'SULFATE ION'
5 non-polymer 'SODIUM ION'
6 water water
#
loop_
_entity_poly.entity_id
_entity_poly.type
_entity_poly.pdbx_seq_one_letter_code
_entity_poly.pdbx_strand_id
1 'polypeptide(L)'
;MGSSHHHHHHSQDPMSGPVPSRARVYTDVNTHRPREYWDYESHVVEWGNQDDYQLVRKLGRGKYSEVFEAINITNNEKVV
VKILKPVKKKKIKREIKILENLRGGPNIITLADIVKDPVSRTPALVFEHVNNTDFKQLYQTLTDYDIRFYMYEILKALDY
CHSMGIMHRDVKPHNVMIDHEHRKLRLIDWGLAEFYHPGQEYNVRVASRYFKGPELLVDYQMYDYSLDMWSLGCMLASMI
FRKEPFFHGHDNYDQLVRIAKVLGTEDLYDYIDKYNIELDPRFNDILGRHSRKRWERFVHSENQHLVSPEALDFLDKLLR
YDHQSRLTAREAMEHPYFYTVVKDQARMG
;
A,B,C
2 'polypeptide(L)' A(SFE)MV(A1ICB) F,G,H
#
loop_
_chem_comp.id
_chem_comp.type
_chem_comp.name
_chem_comp.formula
NA non-polymer 'SODIUM ION' 'Na 1'
NIO non-polymer 'NICOTINIC ACID' 'C6 H5 N O2'
SO4 non-polymer 'SULFATE ION' 'O4 S -2'
#
# COMPACT_ATOMS: atom_id res chain seq x y z
N SER A 16 2.81 -12.43 -22.65
CA SER A 16 1.78 -13.28 -23.25
C SER A 16 0.64 -13.59 -22.27
N GLY A 17 0.97 -13.71 -20.99
CA GLY A 17 0.02 -14.00 -19.96
C GLY A 17 -0.04 -15.48 -19.60
N PRO A 18 -0.64 -15.79 -18.45
CA PRO A 18 -0.76 -17.19 -18.03
C PRO A 18 -1.74 -17.96 -18.91
N VAL A 19 -1.52 -19.26 -19.00
CA VAL A 19 -2.40 -20.10 -19.81
C VAL A 19 -3.74 -20.25 -19.09
N PRO A 20 -4.87 -20.12 -19.78
CA PRO A 20 -6.17 -20.26 -19.11
C PRO A 20 -6.46 -21.69 -18.70
N SER A 21 -7.46 -21.85 -17.82
CA SER A 21 -7.81 -23.14 -17.24
C SER A 21 -9.31 -23.21 -16.99
N ARG A 22 -9.85 -24.43 -17.07
CA ARG A 22 -11.26 -24.71 -16.83
C ARG A 22 -11.41 -25.83 -15.82
N ALA A 23 -12.45 -25.74 -15.00
CA ALA A 23 -12.79 -26.85 -14.12
C ALA A 23 -13.03 -28.14 -14.93
N ARG A 24 -12.53 -29.24 -14.40
CA ARG A 24 -12.71 -30.54 -15.03
C ARG A 24 -14.12 -31.07 -14.84
N VAL A 25 -14.83 -30.61 -13.81
CA VAL A 25 -16.19 -31.03 -13.52
C VAL A 25 -17.05 -29.79 -13.30
N TYR A 26 -18.36 -29.97 -13.49
CA TYR A 26 -19.35 -28.93 -13.18
C TYR A 26 -18.96 -27.58 -13.77
N THR A 27 -18.41 -27.63 -14.99
CA THR A 27 -17.80 -26.45 -15.58
C THR A 27 -18.83 -25.36 -15.85
N ASP A 28 -19.99 -25.71 -16.40
CA ASP A 28 -20.92 -24.69 -16.88
C ASP A 28 -22.24 -24.68 -16.12
N VAL A 29 -22.25 -25.20 -14.88
CA VAL A 29 -23.50 -25.27 -14.14
C VAL A 29 -24.07 -23.87 -13.89
N ASN A 30 -23.21 -22.88 -13.62
CA ASN A 30 -23.76 -21.56 -13.34
C ASN A 30 -24.18 -20.85 -14.62
N THR A 31 -23.43 -21.05 -15.71
CA THR A 31 -23.81 -20.50 -17.00
C THR A 31 -25.22 -20.95 -17.41
N HIS A 32 -25.60 -22.17 -17.10
CA HIS A 32 -26.89 -22.71 -17.51
C HIS A 32 -27.97 -22.46 -16.48
N ARG A 33 -27.65 -21.79 -15.40
CA ARG A 33 -28.64 -21.43 -14.40
C ARG A 33 -29.30 -20.12 -14.80
N PRO A 34 -30.52 -19.86 -14.33
CA PRO A 34 -31.04 -18.49 -14.42
C PRO A 34 -30.08 -17.55 -13.69
N ARG A 35 -29.91 -16.35 -14.25
CA ARG A 35 -28.97 -15.41 -13.65
C ARG A 35 -29.27 -15.15 -12.18
N GLU A 36 -30.54 -15.23 -11.76
CA GLU A 36 -30.89 -15.01 -10.36
C GLU A 36 -30.16 -15.96 -9.42
N TYR A 37 -29.78 -17.14 -9.90
CA TYR A 37 -29.14 -18.12 -9.02
C TYR A 37 -27.79 -17.63 -8.52
N TRP A 38 -26.99 -17.02 -9.39
CA TRP A 38 -25.64 -16.62 -9.02
C TRP A 38 -25.44 -15.12 -8.88
N ASP A 39 -26.38 -14.30 -9.35
CA ASP A 39 -26.27 -12.84 -9.26
C ASP A 39 -26.69 -12.42 -7.86
N TYR A 40 -25.78 -12.63 -6.90
CA TYR A 40 -26.12 -12.43 -5.51
C TYR A 40 -26.27 -10.95 -5.15
N GLU A 41 -25.69 -10.03 -5.93
CA GLU A 41 -25.85 -8.61 -5.62
C GLU A 41 -27.27 -8.13 -5.87
N SER A 42 -28.01 -8.80 -6.76
CA SER A 42 -29.40 -8.47 -6.97
C SER A 42 -30.33 -9.19 -5.99
N HIS A 43 -29.78 -9.93 -5.03
CA HIS A 43 -30.61 -10.74 -4.15
C HIS A 43 -31.38 -9.86 -3.17
N VAL A 44 -32.67 -10.16 -3.01
CA VAL A 44 -33.51 -9.46 -2.04
C VAL A 44 -33.59 -10.32 -0.79
N VAL A 45 -33.06 -9.81 0.31
CA VAL A 45 -33.01 -10.53 1.57
C VAL A 45 -34.38 -10.54 2.22
N GLU A 46 -34.82 -11.71 2.65
CA GLU A 46 -36.04 -11.89 3.42
C GLU A 46 -35.68 -11.78 4.90
N TRP A 47 -36.07 -10.68 5.55
CA TRP A 47 -35.66 -10.44 6.93
C TRP A 47 -36.66 -11.04 7.91
N GLY A 48 -36.16 -11.81 8.87
CA GLY A 48 -36.97 -12.31 9.95
C GLY A 48 -37.15 -11.25 11.02
N ASN A 49 -37.54 -11.69 12.21
CA ASN A 49 -37.83 -10.79 13.33
C ASN A 49 -36.75 -10.96 14.39
N GLN A 50 -35.95 -9.92 14.58
CA GLN A 50 -34.85 -10.00 15.54
C GLN A 50 -35.34 -10.27 16.96
N ASP A 51 -36.59 -9.88 17.27
CA ASP A 51 -37.16 -10.09 18.61
C ASP A 51 -37.46 -11.55 18.94
N ASP A 52 -37.41 -12.45 17.96
CA ASP A 52 -37.54 -13.88 18.25
C ASP A 52 -36.34 -14.43 19.01
N TYR A 53 -35.23 -13.70 19.04
CA TYR A 53 -33.98 -14.25 19.54
C TYR A 53 -33.40 -13.40 20.66
N GLN A 54 -32.74 -14.07 21.59
CA GLN A 54 -32.04 -13.42 22.67
C GLN A 54 -30.62 -13.96 22.68
N LEU A 55 -29.64 -13.08 22.52
CA LEU A 55 -28.26 -13.53 22.60
C LEU A 55 -27.95 -13.95 24.03
N VAL A 56 -27.21 -15.05 24.18
CA VAL A 56 -26.90 -15.64 25.48
C VAL A 56 -25.44 -15.44 25.87
N ARG A 57 -24.51 -15.80 24.97
CA ARG A 57 -23.09 -15.59 25.21
C ARG A 57 -22.32 -15.67 23.89
N LYS A 58 -21.13 -15.07 23.89
CA LYS A 58 -20.30 -15.10 22.70
C LYS A 58 -19.55 -16.42 22.63
N LEU A 59 -19.54 -17.02 21.44
CA LEU A 59 -18.87 -18.29 21.18
C LEU A 59 -17.52 -18.13 20.50
N GLY A 60 -17.26 -16.99 19.88
CA GLY A 60 -16.05 -16.82 19.13
C GLY A 60 -16.17 -15.67 18.16
N ARG A 61 -15.04 -15.34 17.57
CA ARG A 61 -14.86 -14.15 16.75
C ARG A 61 -14.09 -14.46 15.47
N GLY A 62 -14.62 -14.00 14.33
CA GLY A 62 -13.87 -13.96 13.10
C GLY A 62 -13.34 -12.55 12.82
N LYS A 63 -12.58 -12.42 11.74
CA LYS A 63 -12.06 -11.10 11.39
C LYS A 63 -13.18 -10.17 10.92
N TYR A 64 -14.26 -10.72 10.36
CA TYR A 64 -15.39 -9.94 9.88
C TYR A 64 -16.70 -10.43 10.50
N SER A 65 -16.66 -11.02 11.69
CA SER A 65 -17.87 -11.58 12.27
C SER A 65 -17.71 -11.75 13.77
N GLU A 66 -18.86 -11.76 14.45
CA GLU A 66 -19.02 -12.14 15.85
C GLU A 66 -20.04 -13.26 15.93
N VAL A 67 -19.75 -14.30 16.70
CA VAL A 67 -20.61 -15.48 16.74
C VAL A 67 -21.14 -15.61 18.16
N PHE A 68 -22.45 -15.77 18.30
CA PHE A 68 -23.12 -15.88 19.59
C PHE A 68 -23.98 -17.12 19.65
N GLU A 69 -24.03 -17.75 20.82
CA GLU A 69 -25.10 -18.66 21.15
C GLU A 69 -26.32 -17.84 21.59
N ALA A 70 -27.50 -18.29 21.19
CA ALA A 70 -28.73 -17.56 21.44
C ALA A 70 -29.86 -18.56 21.64
N ILE A 71 -31.01 -18.07 22.08
CA ILE A 71 -32.21 -18.87 22.16
C ILE A 71 -33.29 -18.21 21.33
N ASN A 72 -34.02 -19.04 20.60
CA ASN A 72 -35.26 -18.64 19.94
C ASN A 72 -36.37 -18.69 20.99
N ILE A 73 -36.86 -17.53 21.40
CA ILE A 73 -37.86 -17.51 22.46
C ILE A 73 -39.23 -17.99 22.00
N THR A 74 -39.49 -18.06 20.69
CA THR A 74 -40.80 -18.51 20.25
C THR A 74 -40.96 -20.02 20.34
N ASN A 75 -39.87 -20.76 20.44
CA ASN A 75 -39.99 -22.21 20.54
C ASN A 75 -38.96 -22.83 21.46
N ASN A 76 -38.24 -22.03 22.24
CA ASN A 76 -37.27 -22.48 23.24
C ASN A 76 -36.08 -23.24 22.63
N GLU A 77 -35.87 -23.13 21.31
CA GLU A 77 -34.73 -23.76 20.65
C GLU A 77 -33.48 -22.90 20.78
N LYS A 78 -32.34 -23.54 21.04
CA LYS A 78 -31.04 -22.88 20.94
C LYS A 78 -30.65 -22.72 19.47
N VAL A 79 -30.02 -21.59 19.16
CA VAL A 79 -29.52 -21.30 17.82
C VAL A 79 -28.16 -20.65 17.93
N VAL A 80 -27.50 -20.48 16.78
CA VAL A 80 -26.24 -19.77 16.68
C VAL A 80 -26.49 -18.53 15.83
N VAL A 81 -26.04 -17.37 16.33
CA VAL A 81 -26.21 -16.09 15.64
C VAL A 81 -24.83 -15.60 15.22
N LYS A 82 -24.68 -15.30 13.93
CA LYS A 82 -23.44 -14.77 13.37
C LYS A 82 -23.68 -13.37 12.83
N ILE A 83 -23.05 -12.38 13.46
CA ILE A 83 -23.13 -10.98 13.06
C ILE A 83 -22.15 -10.77 11.91
N LEU A 84 -22.63 -10.30 10.75
CA LEU A 84 -21.76 -10.14 9.57
C LEU A 84 -21.26 -8.70 9.45
N LYS A 85 -19.94 -8.53 9.31
CA LYS A 85 -19.49 -7.15 9.18
C LYS A 85 -18.32 -6.99 8.20
N PRO A 86 -18.42 -7.56 7.00
CA PRO A 86 -17.34 -7.39 6.02
C PRO A 86 -17.24 -5.93 5.62
N VAL A 87 -16.02 -5.52 5.26
CA VAL A 87 -15.85 -4.18 4.68
C VAL A 87 -16.65 -4.05 3.39
N LYS A 88 -16.46 -5.00 2.46
CA LYS A 88 -17.27 -5.00 1.23
C LYS A 88 -18.68 -5.52 1.51
N LYS A 89 -19.68 -4.64 1.39
CA LYS A 89 -21.06 -4.99 1.69
C LYS A 89 -21.57 -6.13 0.83
N LYS A 90 -21.04 -6.22 -0.39
CA LYS A 90 -21.36 -7.25 -1.37
C LYS A 90 -21.31 -8.65 -0.78
N LYS A 91 -20.39 -8.88 0.17
CA LYS A 91 -20.17 -10.21 0.71
C LYS A 91 -21.30 -10.68 1.61
N ILE A 92 -22.11 -9.77 2.17
CA ILE A 92 -23.24 -10.20 2.97
C ILE A 92 -24.26 -10.95 2.11
N LYS A 93 -24.66 -10.35 0.99
CA LYS A 93 -25.59 -11.03 0.09
C LYS A 93 -24.96 -12.27 -0.53
N ARG A 94 -23.64 -12.29 -0.73
CA ARG A 94 -23.01 -13.48 -1.30
C ARG A 94 -23.13 -14.66 -0.37
N GLU A 95 -22.78 -14.48 0.91
CA GLU A 95 -22.91 -15.58 1.86
C GLU A 95 -24.37 -16.01 2.02
N ILE A 96 -25.29 -15.04 2.06
CA ILE A 96 -26.70 -15.38 2.23
C ILE A 96 -27.20 -16.20 1.03
N LYS A 97 -26.90 -15.74 -0.18
CA LYS A 97 -27.38 -16.39 -1.38
C LYS A 97 -26.77 -17.78 -1.55
N ILE A 98 -25.50 -17.95 -1.16
CA ILE A 98 -24.88 -19.27 -1.22
C ILE A 98 -25.51 -20.22 -0.20
N LEU A 99 -25.73 -19.74 1.03
CA LEU A 99 -26.38 -20.55 2.06
C LEU A 99 -27.79 -20.95 1.64
N GLU A 100 -28.52 -20.05 1.00
CA GLU A 100 -29.86 -20.38 0.56
C GLU A 100 -29.84 -21.33 -0.63
N ASN A 101 -28.90 -21.17 -1.57
CA ASN A 101 -28.82 -22.12 -2.68
C ASN A 101 -28.45 -23.51 -2.19
N LEU A 102 -27.66 -23.62 -1.12
CA LEU A 102 -27.18 -24.92 -0.67
C LEU A 102 -28.06 -25.55 0.40
N ARG A 103 -29.08 -24.84 0.88
CA ARG A 103 -29.85 -25.31 2.03
C ARG A 103 -30.52 -26.65 1.73
N GLY A 104 -30.37 -27.61 2.65
CA GLY A 104 -30.87 -28.95 2.48
C GLY A 104 -29.86 -29.95 1.93
N GLY A 105 -28.73 -29.49 1.40
CA GLY A 105 -27.75 -30.39 0.86
C GLY A 105 -27.00 -31.13 1.97
N PRO A 106 -26.40 -32.27 1.64
CA PRO A 106 -25.78 -33.11 2.70
C PRO A 106 -24.63 -32.42 3.42
N ASN A 107 -24.77 -32.36 4.75
CA ASN A 107 -23.73 -31.87 5.65
C ASN A 107 -23.41 -30.39 5.46
N ILE A 108 -24.35 -29.64 4.88
CA ILE A 108 -24.25 -28.19 4.78
C ILE A 108 -25.00 -27.60 5.97
N ILE A 109 -24.36 -26.66 6.67
CA ILE A 109 -25.04 -25.94 7.74
C ILE A 109 -26.30 -25.28 7.19
N THR A 110 -27.36 -25.31 8.00
CA THR A 110 -28.68 -24.84 7.58
C THR A 110 -28.90 -23.43 8.09
N LEU A 111 -29.07 -22.49 7.17
CA LEU A 111 -29.45 -21.14 7.52
C LEU A 111 -30.93 -21.14 7.91
N ALA A 112 -31.21 -20.79 9.17
CA ALA A 112 -32.58 -20.82 9.68
C ALA A 112 -33.31 -19.49 9.55
N ASP A 113 -32.60 -18.36 9.57
CA ASP A 113 -33.22 -17.05 9.60
C ASP A 113 -32.15 -16.00 9.30
N ILE A 114 -32.63 -14.79 8.98
CA ILE A 114 -31.75 -13.64 8.72
C ILE A 114 -32.39 -12.43 9.38
N VAL A 115 -31.69 -11.80 10.32
CA VAL A 115 -32.22 -10.66 11.07
C VAL A 115 -31.16 -9.56 11.12
N LYS A 116 -31.54 -8.44 11.76
CA LYS A 116 -30.67 -7.28 11.96
C LYS A 116 -30.58 -6.94 13.43
N ASP A 117 -29.38 -6.62 13.92
CA ASP A 117 -29.23 -6.05 15.27
C ASP A 117 -30.06 -4.78 15.36
N PRO A 118 -31.00 -4.68 16.29
CA PRO A 118 -31.87 -3.49 16.32
C PRO A 118 -31.11 -2.19 16.57
N VAL A 119 -29.96 -2.24 17.26
CA VAL A 119 -29.20 -1.03 17.56
C VAL A 119 -28.33 -0.62 16.38
N SER A 120 -27.40 -1.48 15.98
CA SER A 120 -26.44 -1.14 14.94
C SER A 120 -26.96 -1.44 13.53
N ARG A 121 -28.07 -2.17 13.42
CA ARG A 121 -28.66 -2.56 12.15
C ARG A 121 -27.73 -3.47 11.37
N THR A 122 -26.82 -4.17 12.05
CA THR A 122 -25.93 -5.08 11.36
C THR A 122 -26.65 -6.40 11.04
N PRO A 123 -26.47 -6.93 9.84
CA PRO A 123 -27.13 -8.21 9.49
C PRO A 123 -26.55 -9.35 10.31
N ALA A 124 -27.41 -10.29 10.67
CA ALA A 124 -27.01 -11.46 11.44
C ALA A 124 -27.68 -12.70 10.87
N LEU A 125 -26.89 -13.76 10.69
CA LEU A 125 -27.41 -15.06 10.26
C LEU A 125 -27.74 -15.90 11.48
N VAL A 126 -28.87 -16.60 11.43
CA VAL A 126 -29.31 -17.50 12.49
C VAL A 126 -29.20 -18.93 11.97
N PHE A 127 -28.42 -19.75 12.65
CA PHE A 127 -28.24 -21.13 12.24
C PHE A 127 -28.88 -22.04 13.28
N GLU A 128 -29.44 -23.13 12.77
CA GLU A 128 -29.85 -24.20 13.65
C GLU A 128 -28.63 -24.67 14.42
N HIS A 129 -28.83 -25.02 15.68
CA HIS A 129 -27.71 -25.19 16.59
C HIS A 129 -26.91 -26.44 16.26
N VAL A 130 -25.59 -26.29 16.29
CA VAL A 130 -24.65 -27.41 16.37
C VAL A 130 -23.75 -27.14 17.57
N ASN A 131 -23.31 -28.22 18.21
CA ASN A 131 -22.44 -28.08 19.37
C ASN A 131 -21.12 -27.41 18.98
N ASN A 132 -20.67 -26.46 19.80
CA ASN A 132 -19.46 -25.70 19.50
C ASN A 132 -18.22 -26.57 19.69
N THR A 133 -18.12 -27.63 18.89
CA THR A 133 -16.98 -28.54 18.89
C THR A 133 -16.58 -28.76 17.44
N ASP A 134 -15.42 -28.23 17.05
CA ASP A 134 -14.97 -28.36 15.67
C ASP A 134 -14.07 -29.57 15.50
N PHE A 135 -13.82 -29.89 14.24
CA PHE A 135 -13.03 -31.08 13.89
C PHE A 135 -11.62 -30.99 14.46
N LYS A 136 -11.09 -29.77 14.65
CA LYS A 136 -9.72 -29.60 15.12
C LYS A 136 -9.58 -30.03 16.58
N GLN A 137 -10.61 -29.81 17.39
CA GLN A 137 -10.55 -30.18 18.79
C GLN A 137 -10.69 -31.69 19.00
N LEU A 138 -11.14 -32.41 17.97
CA LEU A 138 -11.52 -33.81 18.08
C LEU A 138 -10.61 -34.76 17.33
N TYR A 139 -9.98 -34.31 16.24
CA TYR A 139 -9.38 -35.21 15.27
C TYR A 139 -8.02 -35.75 15.69
N GLN A 140 -7.48 -35.32 16.82
CA GLN A 140 -6.25 -35.90 17.35
C GLN A 140 -6.52 -37.04 18.32
N THR A 141 -7.79 -37.41 18.53
CA THR A 141 -8.16 -38.50 19.41
C THR A 141 -9.06 -39.51 18.72
N LEU A 142 -9.19 -39.46 17.40
CA LEU A 142 -10.04 -40.37 16.65
C LEU A 142 -9.30 -41.64 16.24
N THR A 143 -10.04 -42.74 16.13
CA THR A 143 -9.46 -43.95 15.56
C THR A 143 -9.37 -43.80 14.04
N ASP A 144 -8.72 -44.79 13.43
CA ASP A 144 -8.58 -44.82 11.98
C ASP A 144 -9.93 -44.82 11.27
N TYR A 145 -10.86 -45.66 11.72
CA TYR A 145 -12.14 -45.72 11.02
C TYR A 145 -12.89 -44.39 11.07
N ASP A 146 -12.82 -43.69 12.20
CA ASP A 146 -13.55 -42.42 12.33
C ASP A 146 -12.97 -41.33 11.42
N ILE A 147 -11.66 -41.32 11.20
CA ILE A 147 -11.08 -40.37 10.25
C ILE A 147 -11.63 -40.61 8.85
N ARG A 148 -11.68 -41.88 8.43
CA ARG A 148 -12.23 -42.20 7.10
C ARG A 148 -13.71 -41.84 7.02
N PHE A 149 -14.46 -42.06 8.10
CA PHE A 149 -15.89 -41.76 8.10
C PHE A 149 -16.13 -40.26 7.94
N TYR A 150 -15.45 -39.45 8.74
CA TYR A 150 -15.69 -38.02 8.69
C TYR A 150 -15.11 -37.39 7.44
N MET A 151 -14.00 -37.92 6.92
CA MET A 151 -13.50 -37.46 5.62
C MET A 151 -14.53 -37.70 4.53
N TYR A 152 -15.17 -38.87 4.56
CA TYR A 152 -16.23 -39.18 3.59
C TYR A 152 -17.41 -38.23 3.72
N GLU A 153 -17.76 -37.85 4.96
CA GLU A 153 -18.86 -36.92 5.18
C GLU A 153 -18.53 -35.52 4.66
N ILE A 154 -17.27 -35.10 4.80
CA ILE A 154 -16.85 -33.82 4.24
C ILE A 154 -16.92 -33.86 2.72
N LEU A 155 -16.52 -34.99 2.13
CA LEU A 155 -16.58 -35.15 0.69
C LEU A 155 -18.02 -35.06 0.18
N LYS A 156 -18.98 -35.58 0.93
CA LYS A 156 -20.38 -35.40 0.55
C LYS A 156 -20.72 -33.93 0.44
N ALA A 157 -20.31 -33.13 1.43
CA ALA A 157 -20.61 -31.71 1.40
C ALA A 157 -19.91 -31.02 0.23
N LEU A 158 -18.67 -31.39 -0.06
CA LEU A 158 -17.92 -30.72 -1.12
C LEU A 158 -18.44 -31.09 -2.50
N ASP A 159 -18.74 -32.37 -2.74
CA ASP A 159 -19.30 -32.72 -4.05
C ASP A 159 -20.66 -32.07 -4.26
N TYR A 160 -21.47 -31.97 -3.22
CA TYR A 160 -22.74 -31.27 -3.37
C TYR A 160 -22.53 -29.80 -3.72
N CYS A 161 -21.69 -29.08 -2.96
CA CYS A 161 -21.56 -27.65 -3.25
C CYS A 161 -20.85 -27.42 -4.57
N HIS A 162 -19.89 -28.27 -4.93
CA HIS A 162 -19.28 -28.17 -6.25
C HIS A 162 -20.31 -28.41 -7.35
N SER A 163 -21.17 -29.43 -7.19
CA SER A 163 -22.20 -29.69 -8.19
C SER A 163 -23.23 -28.56 -8.26
N MET A 164 -23.35 -27.75 -7.21
CA MET A 164 -24.20 -26.57 -7.21
C MET A 164 -23.46 -25.32 -7.67
N GLY A 165 -22.25 -25.45 -8.19
CA GLY A 165 -21.52 -24.30 -8.74
C GLY A 165 -20.76 -23.44 -7.76
N ILE A 166 -20.45 -23.97 -6.57
CA ILE A 166 -19.92 -23.16 -5.48
C ILE A 166 -18.64 -23.82 -4.96
N MET A 167 -17.58 -23.01 -4.81
CA MET A 167 -16.38 -23.47 -4.13
C MET A 167 -16.31 -22.81 -2.77
N HIS A 168 -15.97 -23.60 -1.75
CA HIS A 168 -15.99 -23.10 -0.37
C HIS A 168 -14.84 -22.14 -0.11
N ARG A 169 -13.62 -22.53 -0.50
CA ARG A 169 -12.40 -21.72 -0.47
C ARG A 169 -11.82 -21.52 0.93
N ASP A 170 -12.36 -22.18 1.96
CA ASP A 170 -11.82 -22.04 3.31
C ASP A 170 -11.97 -23.36 4.06
N VAL A 171 -11.70 -24.46 3.38
CA VAL A 171 -11.82 -25.76 4.02
C VAL A 171 -10.65 -25.94 4.98
N LYS A 172 -10.97 -26.10 6.27
CA LYS A 172 -9.98 -26.29 7.32
C LYS A 172 -10.70 -26.84 8.54
N PRO A 173 -9.97 -27.44 9.49
CA PRO A 173 -10.66 -28.14 10.58
C PRO A 173 -11.57 -27.24 11.40
N HIS A 174 -11.23 -25.96 11.56
N HIS A 174 -11.22 -25.97 11.57
CA HIS A 174 -12.08 -25.04 12.31
CA HIS A 174 -12.07 -25.06 12.34
C HIS A 174 -13.47 -24.93 11.70
C HIS A 174 -13.41 -24.76 11.66
N ASN A 175 -13.58 -25.16 10.39
CA ASN A 175 -14.81 -24.93 9.66
C ASN A 175 -15.61 -26.20 9.44
N VAL A 176 -15.32 -27.24 10.21
CA VAL A 176 -16.06 -28.48 10.20
C VAL A 176 -16.53 -28.68 11.64
N MET A 177 -17.85 -28.60 11.86
CA MET A 177 -18.42 -28.84 13.17
C MET A 177 -18.89 -30.28 13.25
N ILE A 178 -18.55 -30.95 14.34
CA ILE A 178 -18.86 -32.36 14.50
C ILE A 178 -19.57 -32.56 15.83
N ASP A 179 -20.71 -33.23 15.77
CA ASP A 179 -21.40 -33.75 16.94
C ASP A 179 -21.00 -35.23 17.00
N HIS A 180 -19.94 -35.51 17.76
CA HIS A 180 -19.36 -36.86 17.71
C HIS A 180 -20.32 -37.91 18.26
N GLU A 181 -21.10 -37.56 19.28
CA GLU A 181 -22.05 -38.51 19.86
C GLU A 181 -23.02 -39.02 18.80
N HIS A 182 -23.54 -38.12 17.97
CA HIS A 182 -24.48 -38.50 16.92
C HIS A 182 -23.81 -38.74 15.58
N ARG A 183 -22.49 -38.60 15.49
CA ARG A 183 -21.75 -38.86 14.26
C ARG A 183 -22.32 -38.06 13.10
N LYS A 184 -22.58 -36.79 13.36
CA LYS A 184 -23.04 -35.89 12.31
C LYS A 184 -22.04 -34.74 12.15
N LEU A 185 -21.98 -34.21 10.94
CA LEU A 185 -20.93 -33.27 10.59
C LEU A 185 -21.53 -32.18 9.71
N ARG A 186 -21.08 -30.94 9.91
CA ARG A 186 -21.57 -29.81 9.14
C ARG A 186 -20.37 -28.97 8.71
N LEU A 187 -20.30 -28.67 7.42
CA LEU A 187 -19.33 -27.74 6.87
C LEU A 187 -19.90 -26.33 7.01
N ILE A 188 -19.17 -25.45 7.69
CA ILE A 188 -19.67 -24.13 8.08
C ILE A 188 -18.80 -23.03 7.47
N ASP A 189 -19.14 -21.78 7.81
CA ASP A 189 -18.47 -20.55 7.43
C ASP A 189 -18.28 -20.42 5.93
N TRP A 190 -19.38 -20.05 5.26
CA TRP A 190 -19.42 -19.84 3.84
C TRP A 190 -19.17 -18.39 3.47
N GLY A 191 -18.50 -17.64 4.35
CA GLY A 191 -18.20 -16.24 4.10
C GLY A 191 -17.16 -15.99 3.03
N LEU A 192 -16.33 -16.99 2.71
CA LEU A 192 -15.37 -16.84 1.62
C LEU A 192 -15.78 -17.59 0.35
N ALA A 193 -16.90 -18.30 0.37
CA ALA A 193 -17.30 -19.11 -0.78
C ALA A 193 -17.66 -18.23 -2.00
N GLU A 194 -17.47 -18.78 -3.19
CA GLU A 194 -17.75 -18.07 -4.44
C GLU A 194 -18.41 -18.99 -5.46
N PHE A 195 -19.09 -18.38 -6.44
CA PHE A 195 -19.63 -19.11 -7.58
C PHE A 195 -18.54 -19.35 -8.60
N TYR A 196 -18.46 -20.57 -9.12
CA TYR A 196 -17.51 -20.85 -10.19
C TYR A 196 -18.10 -20.47 -11.55
N HIS A 197 -17.35 -19.66 -12.31
CA HIS A 197 -17.69 -19.27 -13.68
C HIS A 197 -16.48 -19.48 -14.56
N PRO A 198 -16.61 -20.18 -15.69
CA PRO A 198 -15.44 -20.46 -16.54
C PRO A 198 -14.72 -19.19 -16.97
N GLY A 199 -13.39 -19.21 -16.89
CA GLY A 199 -12.58 -18.09 -17.29
C GLY A 199 -12.45 -16.98 -16.27
N GLN A 200 -13.13 -17.10 -15.14
CA GLN A 200 -13.09 -16.04 -14.14
C GLN A 200 -11.78 -16.09 -13.36
N GLU A 201 -11.24 -14.92 -13.12
CA GLU A 201 -10.02 -14.76 -12.35
C GLU A 201 -10.42 -14.29 -10.97
N TYR A 202 -10.07 -15.08 -9.96
CA TYR A 202 -10.49 -14.89 -8.58
C TYR A 202 -9.36 -14.31 -7.75
N ASN A 203 -9.73 -13.81 -6.58
CA ASN A 203 -8.74 -13.31 -5.63
C ASN A 203 -7.93 -14.47 -5.04
N VAL A 204 -6.60 -14.34 -5.05
CA VAL A 204 -5.77 -15.38 -4.45
C VAL A 204 -5.55 -15.17 -2.96
N ARG A 205 -5.97 -14.04 -2.41
CA ARG A 205 -5.85 -13.81 -0.97
C ARG A 205 -7.07 -14.32 -0.23
N VAL A 206 -7.25 -15.64 -0.29
CA VAL A 206 -8.32 -16.35 0.39
C VAL A 206 -7.69 -17.52 1.14
N ALA A 207 -8.51 -18.18 1.96
CA ALA A 207 -8.11 -19.34 2.76
C ALA A 207 -7.06 -18.99 3.81
N SER A 208 -6.82 -19.90 4.75
CA SER A 208 -5.76 -19.72 5.74
C SER A 208 -4.45 -20.27 5.20
N ARG A 209 -3.33 -19.65 5.63
CA ARG A 209 -2.02 -19.91 5.05
C ARG A 209 -1.72 -21.40 4.92
N TYR A 210 -1.96 -22.18 5.99
CA TYR A 210 -1.57 -23.58 6.00
C TYR A 210 -2.34 -24.43 4.98
N PHE A 211 -3.48 -23.94 4.50
CA PHE A 211 -4.35 -24.72 3.62
C PHE A 211 -4.41 -24.15 2.23
N LYS A 212 -3.62 -23.12 1.95
CA LYS A 212 -3.61 -22.52 0.63
C LYS A 212 -2.98 -23.47 -0.39
N GLY A 213 -3.69 -23.70 -1.49
CA GLY A 213 -3.17 -24.47 -2.59
C GLY A 213 -2.08 -23.73 -3.33
N PRO A 214 -1.23 -24.45 -4.05
CA PRO A 214 -0.15 -23.81 -4.81
C PRO A 214 -0.62 -22.72 -5.76
N GLU A 215 -1.82 -22.85 -6.36
CA GLU A 215 -2.32 -21.79 -7.25
C GLU A 215 -2.44 -20.46 -6.51
N LEU A 216 -2.85 -20.48 -5.24
CA LEU A 216 -2.93 -19.23 -4.49
C LEU A 216 -1.55 -18.69 -4.18
N LEU A 217 -0.58 -19.58 -3.90
CA LEU A 217 0.74 -19.15 -3.47
C LEU A 217 1.58 -18.61 -4.63
N VAL A 218 1.41 -19.16 -5.83
CA VAL A 218 2.13 -18.63 -6.99
C VAL A 218 1.29 -17.63 -7.76
N ASP A 219 0.09 -17.30 -7.25
CA ASP A 219 -0.75 -16.22 -7.80
C ASP A 219 -1.32 -16.60 -9.16
N TYR A 220 -1.94 -17.78 -9.25
CA TYR A 220 -2.66 -18.20 -10.45
C TYR A 220 -4.15 -18.06 -10.18
N GLN A 221 -4.79 -17.12 -10.90
CA GLN A 221 -6.13 -16.69 -10.51
C GLN A 221 -7.27 -17.50 -11.10
N MET A 222 -7.04 -18.24 -12.17
CA MET A 222 -8.13 -18.95 -12.85
C MET A 222 -8.32 -20.36 -12.28
N TYR A 223 -8.53 -20.42 -10.97
CA TYR A 223 -8.67 -21.68 -10.26
C TYR A 223 -10.15 -22.06 -10.16
N ASP A 224 -10.45 -23.16 -9.48
CA ASP A 224 -11.81 -23.72 -9.48
C ASP A 224 -12.01 -24.58 -8.23
N TYR A 225 -12.99 -25.50 -8.28
CA TYR A 225 -13.34 -26.33 -7.13
C TYR A 225 -12.14 -27.11 -6.59
N SER A 226 -11.17 -27.42 -7.45
CA SER A 226 -10.04 -28.25 -7.03
C SER A 226 -9.24 -27.62 -5.89
N LEU A 227 -9.37 -26.30 -5.69
CA LEU A 227 -8.73 -25.64 -4.55
C LEU A 227 -9.15 -26.28 -3.23
N ASP A 228 -10.45 -26.59 -3.11
CA ASP A 228 -10.98 -27.25 -1.92
C ASP A 228 -10.38 -28.64 -1.74
N MET A 229 -10.01 -29.29 -2.85
CA MET A 229 -9.45 -30.63 -2.70
C MET A 229 -8.02 -30.60 -2.19
N TRP A 230 -7.24 -29.58 -2.55
CA TRP A 230 -5.93 -29.39 -1.92
C TRP A 230 -6.08 -29.19 -0.41
N SER A 231 -6.95 -28.27 0.00
CA SER A 231 -7.15 -28.03 1.45
C SER A 231 -7.55 -29.30 2.16
N LEU A 232 -8.44 -30.09 1.55
CA LEU A 232 -8.82 -31.36 2.15
C LEU A 232 -7.61 -32.28 2.31
N GLY A 233 -6.72 -32.30 1.32
CA GLY A 233 -5.49 -33.07 1.46
C GLY A 233 -4.62 -32.62 2.62
N CYS A 234 -4.57 -31.31 2.88
CA CYS A 234 -3.79 -30.77 4.01
C CYS A 234 -4.36 -31.20 5.34
N MET A 235 -5.69 -31.23 5.46
CA MET A 235 -6.34 -31.74 6.65
C MET A 235 -6.02 -33.22 6.85
N LEU A 236 -6.14 -34.01 5.78
CA LEU A 236 -5.92 -35.45 5.89
C LEU A 236 -4.49 -35.75 6.31
N ALA A 237 -3.51 -35.11 5.66
CA ALA A 237 -2.12 -35.33 6.04
C ALA A 237 -1.88 -35.00 7.51
N SER A 238 -2.50 -33.92 7.99
CA SER A 238 -2.37 -33.55 9.38
C SER A 238 -2.88 -34.65 10.30
N MET A 239 -3.96 -35.32 9.91
CA MET A 239 -4.59 -36.29 10.79
C MET A 239 -3.85 -37.62 10.78
N ILE A 240 -3.59 -38.17 9.58
CA ILE A 240 -2.99 -39.49 9.58
C ILE A 240 -1.54 -39.43 10.04
N PHE A 241 -0.89 -38.29 9.91
CA PHE A 241 0.49 -38.16 10.36
C PHE A 241 0.62 -37.52 11.74
N ARG A 242 -0.46 -37.02 12.34
CA ARG A 242 -0.39 -36.36 13.63
C ARG A 242 0.62 -35.22 13.59
N LYS A 243 0.48 -34.36 12.60
CA LYS A 243 1.36 -33.20 12.44
C LYS A 243 0.48 -32.02 12.03
N GLU A 244 0.46 -31.00 12.87
CA GLU A 244 -0.54 -29.93 12.77
C GLU A 244 0.13 -28.56 12.86
N PRO A 245 0.12 -27.77 11.78
CA PRO A 245 -0.38 -28.11 10.45
C PRO A 245 0.66 -28.96 9.73
N PHE A 246 0.30 -29.63 8.64
CA PHE A 246 1.28 -30.45 7.96
C PHE A 246 2.31 -29.59 7.21
N PHE A 247 1.85 -28.54 6.53
CA PHE A 247 2.73 -27.59 5.85
C PHE A 247 2.73 -26.31 6.68
N HIS A 248 3.83 -26.05 7.40
CA HIS A 248 3.86 -25.06 8.49
C HIS A 248 4.78 -23.89 8.12
N GLY A 249 4.35 -23.08 7.14
CA GLY A 249 5.16 -21.95 6.74
C GLY A 249 4.99 -20.74 7.63
N HIS A 250 6.01 -19.89 7.63
N HIS A 250 6.01 -19.87 7.64
CA HIS A 250 5.98 -18.65 8.41
CA HIS A 250 5.93 -18.65 8.44
C HIS A 250 5.35 -17.50 7.67
C HIS A 250 5.40 -17.46 7.65
N ASP A 251 5.27 -17.57 6.34
CA ASP A 251 4.54 -16.59 5.53
C ASP A 251 4.15 -17.28 4.22
N ASN A 252 3.54 -16.51 3.31
CA ASN A 252 3.02 -17.13 2.09
C ASN A 252 4.15 -17.66 1.20
N TYR A 253 5.31 -17.00 1.21
CA TYR A 253 6.43 -17.46 0.39
C TYR A 253 7.06 -18.72 0.98
N ASP A 254 7.33 -18.72 2.28
CA ASP A 254 7.85 -19.93 2.94
C ASP A 254 6.84 -21.08 2.87
N GLN A 255 5.54 -20.78 2.82
CA GLN A 255 4.55 -21.85 2.70
C GLN A 255 4.77 -22.70 1.44
N LEU A 256 5.06 -22.07 0.30
CA LEU A 256 5.37 -22.87 -0.88
C LEU A 256 6.66 -23.66 -0.70
N VAL A 257 7.64 -23.09 0.01
CA VAL A 257 8.89 -23.81 0.26
C VAL A 257 8.62 -25.06 1.08
N ARG A 258 7.74 -24.96 2.09
CA ARG A 258 7.38 -26.13 2.88
C ARG A 258 6.77 -27.22 2.01
N ILE A 259 5.93 -26.83 1.06
CA ILE A 259 5.31 -27.80 0.16
C ILE A 259 6.36 -28.44 -0.75
N ALA A 260 7.27 -27.62 -1.30
CA ALA A 260 8.26 -28.18 -2.22
C ALA A 260 9.21 -29.14 -1.51
N LYS A 261 9.47 -28.93 -0.21
CA LYS A 261 10.32 -29.89 0.49
C LYS A 261 9.68 -31.26 0.65
N VAL A 262 8.37 -31.39 0.38
CA VAL A 262 7.65 -32.66 0.44
C VAL A 262 7.31 -33.17 -0.96
N LEU A 263 6.66 -32.34 -1.77
CA LEU A 263 6.25 -32.79 -3.09
C LEU A 263 7.36 -32.69 -4.12
N GLY A 264 8.50 -32.10 -3.77
CA GLY A 264 9.59 -31.91 -4.71
C GLY A 264 9.40 -30.68 -5.58
N THR A 265 10.52 -30.17 -6.10
CA THR A 265 10.48 -28.99 -6.95
C THR A 265 10.29 -29.30 -8.42
N GLU A 266 10.58 -30.54 -8.86
CA GLU A 266 10.44 -30.86 -10.28
C GLU A 266 9.01 -30.63 -10.74
N ASP A 267 8.04 -31.19 -10.02
CA ASP A 267 6.64 -31.01 -10.38
C ASP A 267 6.16 -29.59 -10.13
N LEU A 268 6.79 -28.84 -9.22
CA LEU A 268 6.46 -27.43 -9.07
C LEU A 268 6.80 -26.66 -10.33
N TYR A 269 8.01 -26.86 -10.85
CA TYR A 269 8.39 -26.09 -12.02
C TYR A 269 7.68 -26.58 -13.28
N ASP A 270 7.39 -27.88 -13.39
CA ASP A 270 6.55 -28.36 -14.50
C ASP A 270 5.18 -27.69 -14.48
N TYR A 271 4.62 -27.51 -13.29
CA TYR A 271 3.36 -26.79 -13.15
C TYR A 271 3.50 -25.34 -13.61
N ILE A 272 4.55 -24.65 -13.16
CA ILE A 272 4.77 -23.26 -13.54
C ILE A 272 4.98 -23.14 -15.05
N ASP A 273 5.71 -24.09 -15.63
CA ASP A 273 5.95 -24.05 -17.06
C ASP A 273 4.65 -24.25 -17.82
N LYS A 274 3.82 -25.19 -17.37
CA LYS A 274 2.61 -25.55 -18.11
C LYS A 274 1.64 -24.39 -18.23
N TYR A 275 1.42 -23.64 -17.15
CA TYR A 275 0.46 -22.56 -17.18
C TYR A 275 1.11 -21.21 -17.45
N ASN A 276 2.41 -21.21 -17.73
CA ASN A 276 3.15 -19.99 -18.02
C ASN A 276 3.01 -18.98 -16.88
N ILE A 277 3.18 -19.47 -15.65
CA ILE A 277 3.04 -18.65 -14.46
C ILE A 277 4.34 -17.90 -14.21
N GLU A 278 4.23 -16.60 -13.89
CA GLU A 278 5.39 -15.79 -13.56
C GLU A 278 5.64 -15.91 -12.07
N LEU A 279 6.70 -16.61 -11.69
CA LEU A 279 7.00 -16.79 -10.29
C LEU A 279 7.55 -15.48 -9.72
N ASP A 280 6.91 -14.99 -8.66
CA ASP A 280 7.37 -13.82 -7.94
C ASP A 280 8.85 -13.94 -7.58
N PRO A 281 9.66 -12.90 -7.81
CA PRO A 281 11.10 -12.98 -7.50
C PRO A 281 11.42 -13.22 -6.02
N ARG A 282 10.47 -13.01 -5.12
CA ARG A 282 10.70 -13.32 -3.71
C ARG A 282 10.96 -14.81 -3.50
N PHE A 283 10.49 -15.65 -4.43
CA PHE A 283 10.69 -17.10 -4.36
C PHE A 283 12.08 -17.52 -4.80
N ASN A 284 12.73 -16.73 -5.64
CA ASN A 284 13.90 -17.20 -6.36
C ASN A 284 15.04 -17.62 -5.43
N ASP A 285 15.24 -16.88 -4.33
CA ASP A 285 16.33 -17.13 -3.41
C ASP A 285 16.05 -18.22 -2.38
N ILE A 286 14.80 -18.69 -2.24
CA ILE A 286 14.42 -19.58 -1.15
C ILE A 286 13.95 -20.97 -1.60
N LEU A 287 13.65 -21.18 -2.88
CA LEU A 287 13.14 -22.50 -3.29
C LEU A 287 14.27 -23.52 -3.47
N GLY A 288 15.22 -23.24 -4.35
CA GLY A 288 16.25 -24.21 -4.67
C GLY A 288 15.69 -25.47 -5.32
N ARG A 289 16.33 -26.60 -5.03
CA ARG A 289 15.92 -27.91 -5.57
C ARG A 289 15.66 -28.91 -4.45
N HIS A 290 14.53 -29.61 -4.53
CA HIS A 290 14.17 -30.63 -3.56
C HIS A 290 13.62 -31.85 -4.29
N SER A 291 14.05 -33.03 -3.85
CA SER A 291 13.48 -34.27 -4.34
C SER A 291 12.12 -34.51 -3.68
N ARG A 292 11.26 -35.24 -4.39
CA ARG A 292 10.00 -35.65 -3.79
C ARG A 292 10.28 -36.62 -2.65
N LYS A 293 9.69 -36.35 -1.49
CA LYS A 293 9.80 -37.27 -0.37
C LYS A 293 8.67 -38.27 -0.47
N ARG A 294 9.00 -39.54 -0.35
CA ARG A 294 7.97 -40.58 -0.34
C ARG A 294 7.14 -40.42 0.93
N TRP A 295 5.83 -40.67 0.83
CA TRP A 295 4.95 -40.41 1.98
C TRP A 295 5.30 -41.25 3.19
N GLU A 296 5.91 -42.43 2.98
CA GLU A 296 6.29 -43.29 4.10
C GLU A 296 7.30 -42.62 5.04
N ARG A 297 8.00 -41.58 4.58
CA ARG A 297 8.97 -40.90 5.43
C ARG A 297 8.34 -40.21 6.64
N PHE A 298 7.03 -39.97 6.63
CA PHE A 298 6.35 -39.30 7.74
C PHE A 298 5.70 -40.24 8.73
N VAL A 299 5.80 -41.54 8.51
CA VAL A 299 5.19 -42.52 9.39
C VAL A 299 6.13 -42.78 10.56
N HIS A 300 5.56 -42.85 11.76
CA HIS A 300 6.32 -43.25 12.94
C HIS A 300 5.40 -44.02 13.88
N SER A 301 5.92 -44.40 15.04
N SER A 301 5.92 -44.40 15.04
CA SER A 301 5.22 -45.33 15.92
CA SER A 301 5.21 -45.34 15.91
C SER A 301 3.92 -44.75 16.46
C SER A 301 3.91 -44.74 16.44
N GLU A 302 3.83 -43.43 16.57
CA GLU A 302 2.67 -42.78 17.15
C GLU A 302 1.60 -42.42 16.13
N ASN A 303 1.82 -42.71 14.84
CA ASN A 303 0.76 -42.49 13.85
C ASN A 303 0.54 -43.67 12.93
N GLN A 304 1.33 -44.74 13.05
CA GLN A 304 1.22 -45.85 12.09
C GLN A 304 -0.14 -46.53 12.13
N HIS A 305 -0.87 -46.46 13.25
CA HIS A 305 -2.22 -47.02 13.27
C HIS A 305 -3.17 -46.24 12.38
N LEU A 306 -2.83 -45.01 12.00
CA LEU A 306 -3.67 -44.22 11.09
C LEU A 306 -3.24 -44.31 9.64
N VAL A 307 -2.07 -44.89 9.36
CA VAL A 307 -1.47 -44.89 8.03
C VAL A 307 -1.63 -46.27 7.41
N SER A 308 -2.07 -46.32 6.16
CA SER A 308 -2.22 -47.54 5.37
C SER A 308 -1.83 -47.26 3.92
N PRO A 309 -1.62 -48.30 3.11
CA PRO A 309 -1.36 -48.04 1.68
C PRO A 309 -2.44 -47.22 1.00
N GLU A 310 -3.70 -47.47 1.33
CA GLU A 310 -4.79 -46.74 0.69
C GLU A 310 -4.81 -45.27 1.12
N ALA A 311 -4.47 -44.99 2.38
CA ALA A 311 -4.41 -43.60 2.81
C ALA A 311 -3.31 -42.84 2.07
N LEU A 312 -2.15 -43.46 1.91
CA LEU A 312 -1.05 -42.78 1.23
C LEU A 312 -1.35 -42.58 -0.25
N ASP A 313 -1.95 -43.58 -0.89
CA ASP A 313 -2.31 -43.41 -2.28
C ASP A 313 -3.36 -42.32 -2.45
N PHE A 314 -4.36 -42.30 -1.57
CA PHE A 314 -5.39 -41.28 -1.61
C PHE A 314 -4.79 -39.90 -1.38
N LEU A 315 -3.97 -39.79 -0.34
CA LEU A 315 -3.31 -38.51 -0.05
C LEU A 315 -2.49 -38.04 -1.24
N ASP A 316 -1.76 -38.96 -1.87
CA ASP A 316 -0.90 -38.58 -2.98
C ASP A 316 -1.68 -38.02 -4.15
N LYS A 317 -2.94 -38.43 -4.32
CA LYS A 317 -3.76 -37.98 -5.42
C LYS A 317 -4.52 -36.70 -5.11
N LEU A 318 -4.55 -36.29 -3.85
CA LEU A 318 -5.10 -35.00 -3.50
C LEU A 318 -4.03 -33.92 -3.59
N LEU A 319 -2.84 -34.19 -3.08
CA LEU A 319 -1.79 -33.16 -2.96
C LEU A 319 -0.92 -33.16 -4.22
N ARG A 320 -1.48 -32.56 -5.28
CA ARG A 320 -0.78 -32.35 -6.54
C ARG A 320 -0.69 -30.85 -6.84
N TYR A 321 0.46 -30.40 -7.34
CA TYR A 321 0.56 -28.99 -7.73
C TYR A 321 -0.49 -28.63 -8.77
N ASP A 322 -0.57 -29.42 -9.84
CA ASP A 322 -1.48 -29.09 -10.93
C ASP A 322 -2.92 -29.31 -10.48
N HIS A 323 -3.67 -28.22 -10.28
CA HIS A 323 -5.05 -28.35 -9.82
C HIS A 323 -5.88 -29.28 -10.70
N GLN A 324 -5.58 -29.35 -12.01
CA GLN A 324 -6.34 -30.26 -12.87
C GLN A 324 -6.06 -31.72 -12.59
N SER A 325 -4.88 -32.06 -12.06
CA SER A 325 -4.54 -33.45 -11.76
C SER A 325 -5.15 -33.97 -10.46
N ARG A 326 -5.63 -33.10 -9.58
CA ARG A 326 -6.17 -33.57 -8.31
C ARG A 326 -7.48 -34.31 -8.49
N LEU A 327 -7.72 -35.29 -7.62
CA LEU A 327 -9.01 -35.96 -7.60
C LEU A 327 -10.12 -34.94 -7.41
N THR A 328 -11.24 -35.15 -8.10
CA THR A 328 -12.44 -34.43 -7.76
C THR A 328 -13.07 -35.02 -6.50
N ALA A 329 -14.01 -34.29 -5.90
CA ALA A 329 -14.69 -34.82 -4.72
C ALA A 329 -15.39 -36.14 -5.05
N ARG A 330 -16.00 -36.21 -6.23
CA ARG A 330 -16.67 -37.45 -6.62
C ARG A 330 -15.68 -38.59 -6.87
N GLU A 331 -14.62 -38.33 -7.64
CA GLU A 331 -13.58 -39.36 -7.80
C GLU A 331 -13.02 -39.80 -6.47
N ALA A 332 -12.83 -38.86 -5.53
CA ALA A 332 -12.31 -39.19 -4.21
C ALA A 332 -13.20 -40.16 -3.45
N MET A 333 -14.53 -40.00 -3.55
CA MET A 333 -15.45 -40.89 -2.84
C MET A 333 -15.40 -42.33 -3.34
N GLU A 334 -14.93 -42.57 -4.57
CA GLU A 334 -14.75 -43.91 -5.14
C GLU A 334 -13.41 -44.52 -4.79
N HIS A 335 -12.54 -43.83 -4.06
CA HIS A 335 -11.23 -44.37 -3.75
C HIS A 335 -11.34 -45.54 -2.77
N PRO A 336 -10.45 -46.55 -2.91
CA PRO A 336 -10.47 -47.70 -1.98
C PRO A 336 -10.31 -47.33 -0.51
N TYR A 337 -9.74 -46.16 -0.22
CA TYR A 337 -9.63 -45.71 1.16
C TYR A 337 -10.98 -45.71 1.88
N PHE A 338 -12.07 -45.57 1.13
CA PHE A 338 -13.40 -45.48 1.70
C PHE A 338 -14.22 -46.75 1.52
N TYR A 339 -13.61 -47.86 1.06
CA TYR A 339 -14.38 -49.06 0.75
C TYR A 339 -15.14 -49.57 1.96
N THR A 340 -14.52 -49.57 3.14
CA THR A 340 -15.22 -50.07 4.32
C THR A 340 -16.34 -49.13 4.73
N VAL A 341 -16.10 -47.82 4.66
CA VAL A 341 -17.14 -46.84 5.00
C VAL A 341 -18.30 -46.96 4.04
N VAL A 342 -18.02 -47.17 2.75
CA VAL A 342 -19.09 -47.29 1.77
C VAL A 342 -19.91 -48.56 2.01
N LYS A 343 -19.24 -49.70 2.26
CA LYS A 343 -19.98 -50.94 2.57
C LYS A 343 -20.80 -50.79 3.86
N ASP A 344 -20.18 -50.29 4.93
CA ASP A 344 -20.90 -50.19 6.19
C ASP A 344 -22.06 -49.21 6.10
N GLN A 345 -22.01 -48.27 5.15
CA GLN A 345 -23.05 -47.26 5.02
C GLN A 345 -24.36 -47.81 4.45
N ALA A 346 -24.33 -48.92 3.70
CA ALA A 346 -25.55 -49.48 3.12
C ALA A 346 -26.11 -50.65 3.93
N MET B 15 -0.04 14.71 -23.04
CA MET B 15 0.81 15.89 -23.20
C MET B 15 1.52 16.24 -21.87
N SER B 16 1.14 17.34 -21.23
CA SER B 16 1.96 17.94 -20.20
C SER B 16 1.46 17.69 -18.78
N GLY B 17 0.15 17.62 -18.57
CA GLY B 17 -0.36 17.40 -17.24
C GLY B 17 -0.76 18.70 -16.57
N PRO B 18 -1.51 18.62 -15.48
CA PRO B 18 -1.94 19.84 -14.78
C PRO B 18 -0.78 20.57 -14.10
N VAL B 19 -0.94 21.89 -13.98
CA VAL B 19 0.03 22.72 -13.27
C VAL B 19 -0.16 22.51 -11.76
N PRO B 20 0.91 22.34 -10.99
CA PRO B 20 0.75 22.13 -9.54
C PRO B 20 0.31 23.39 -8.82
N SER B 21 -0.13 23.19 -7.58
CA SER B 21 -0.70 24.25 -6.78
C SER B 21 -0.38 23.99 -5.31
N ARG B 22 -0.27 25.10 -4.54
CA ARG B 22 -0.02 25.07 -3.10
C ARG B 22 -1.02 25.96 -2.38
N ALA B 23 -1.43 25.56 -1.18
CA ALA B 23 -2.27 26.43 -0.35
C ALA B 23 -1.58 27.77 -0.08
N ARG B 24 -2.37 28.86 -0.08
CA ARG B 24 -1.81 30.19 0.23
C ARG B 24 -1.52 30.36 1.72
N VAL B 25 -2.25 29.64 2.59
CA VAL B 25 -2.05 29.75 4.02
C VAL B 25 -1.87 28.36 4.59
N TYR B 26 -1.21 28.30 5.74
CA TYR B 26 -1.01 27.06 6.49
C TYR B 26 -0.46 25.95 5.60
N THR B 27 0.43 26.35 4.69
CA THR B 27 0.92 25.43 3.66
C THR B 27 1.67 24.25 4.26
N ASP B 28 2.55 24.52 5.23
CA ASP B 28 3.44 23.46 5.72
C ASP B 28 3.15 23.10 7.17
N VAL B 29 1.97 23.42 7.71
CA VAL B 29 1.75 23.16 9.13
C VAL B 29 1.86 21.67 9.43
N ASN B 30 1.43 20.81 8.51
CA ASN B 30 1.58 19.39 8.82
C ASN B 30 3.02 18.92 8.66
N THR B 31 3.72 19.43 7.64
CA THR B 31 5.13 19.11 7.49
C THR B 31 5.92 19.45 8.75
N HIS B 32 5.53 20.55 9.41
CA HIS B 32 6.22 21.08 10.59
C HIS B 32 5.70 20.51 11.90
N ARG B 33 4.77 19.53 11.86
CA ARG B 33 4.32 18.75 13.01
C ARG B 33 5.16 17.49 13.14
N PRO B 34 5.21 16.89 14.34
CA PRO B 34 5.66 15.49 14.43
C PRO B 34 4.81 14.61 13.52
N ARG B 35 5.45 13.61 12.92
CA ARG B 35 4.75 12.75 11.99
C ARG B 35 3.56 12.05 12.64
N GLU B 36 3.61 11.77 13.94
CA GLU B 36 2.52 11.10 14.62
C GLU B 36 1.20 11.86 14.48
N TYR B 37 1.28 13.16 14.29
CA TYR B 37 0.10 14.01 14.24
C TYR B 37 -0.78 13.69 13.03
N TRP B 38 -0.17 13.48 11.86
CA TRP B 38 -0.91 13.29 10.64
C TRP B 38 -0.88 11.87 10.11
N ASP B 39 -0.02 11.02 10.66
CA ASP B 39 0.05 9.62 10.22
C ASP B 39 -1.06 8.84 10.92
N TYR B 40 -2.30 9.01 10.44
CA TYR B 40 -3.45 8.45 11.13
C TYR B 40 -3.51 6.93 11.04
N GLU B 41 -2.84 6.33 10.05
CA GLU B 41 -2.90 4.87 9.94
C GLU B 41 -2.14 4.17 11.08
N SER B 42 -1.16 4.83 11.68
CA SER B 42 -0.44 4.29 12.82
C SER B 42 -1.13 4.60 14.15
N HIS B 43 -2.28 5.25 14.13
CA HIS B 43 -2.89 5.68 15.38
C HIS B 43 -3.43 4.46 16.14
N VAL B 44 -3.13 4.40 17.43
CA VAL B 44 -3.67 3.37 18.31
C VAL B 44 -4.87 3.97 19.04
N VAL B 45 -6.04 3.40 18.79
CA VAL B 45 -7.26 3.92 19.40
C VAL B 45 -7.29 3.56 20.88
N GLU B 46 -7.55 4.55 21.73
CA GLU B 46 -7.84 4.31 23.15
C GLU B 46 -9.35 4.16 23.33
N TRP B 47 -9.77 2.95 23.71
CA TRP B 47 -11.17 2.58 23.83
C TRP B 47 -11.70 2.89 25.23
N GLY B 48 -12.84 3.57 25.31
CA GLY B 48 -13.56 3.74 26.55
C GLY B 48 -14.42 2.52 26.84
N ASN B 49 -15.39 2.70 27.74
CA ASN B 49 -16.28 1.62 28.15
C ASN B 49 -17.70 1.94 27.69
N GLN B 50 -18.23 1.15 26.75
CA GLN B 50 -19.58 1.41 26.25
C GLN B 50 -20.64 1.29 27.33
N ASP B 51 -20.36 0.52 28.39
CA ASP B 51 -21.32 0.39 29.48
C ASP B 51 -21.50 1.68 30.25
N ASP B 52 -20.63 2.68 30.06
CA ASP B 52 -20.84 4.00 30.64
C ASP B 52 -22.03 4.75 30.05
N TYR B 53 -22.59 4.28 28.93
CA TYR B 53 -23.57 5.07 28.19
C TYR B 53 -24.86 4.29 27.99
N GLN B 54 -25.97 5.02 27.97
CA GLN B 54 -27.27 4.42 27.72
C GLN B 54 -27.93 5.19 26.59
N LEU B 55 -28.26 4.50 25.51
CA LEU B 55 -28.95 5.18 24.42
C LEU B 55 -30.33 5.63 24.89
N VAL B 56 -30.71 6.84 24.48
CA VAL B 56 -31.96 7.46 24.86
C VAL B 56 -32.93 7.52 23.68
N ARG B 57 -32.47 8.02 22.53
CA ARG B 57 -33.33 7.94 21.35
C ARG B 57 -32.48 8.05 20.09
N LYS B 58 -33.04 7.52 19.01
CA LYS B 58 -32.41 7.56 17.70
C LYS B 58 -32.64 8.93 17.07
N LEU B 59 -31.58 9.52 16.51
CA LEU B 59 -31.67 10.83 15.89
C LEU B 59 -31.76 10.80 14.37
N GLY B 60 -31.36 9.71 13.75
CA GLY B 60 -31.38 9.65 12.30
C GLY B 60 -30.36 8.64 11.83
N ARG B 61 -30.38 8.43 10.51
CA ARG B 61 -29.50 7.47 9.87
C ARG B 61 -28.75 8.22 8.79
N GLY B 62 -27.43 8.15 8.85
CA GLY B 62 -26.59 8.68 7.80
C GLY B 62 -26.11 7.58 6.87
N LYS B 63 -25.36 8.00 5.86
CA LYS B 63 -24.80 7.03 4.94
C LYS B 63 -23.75 6.15 5.61
N TYR B 64 -23.09 6.62 6.68
CA TYR B 64 -22.03 5.84 7.29
C TYR B 64 -22.24 5.55 8.77
N SER B 65 -23.44 5.79 9.32
CA SER B 65 -23.58 5.64 10.76
C SER B 65 -25.05 5.59 11.17
N GLU B 66 -25.28 5.09 12.39
CA GLU B 66 -26.54 5.22 13.10
C GLU B 66 -26.26 6.13 14.27
N VAL B 67 -27.11 7.13 14.46
CA VAL B 67 -26.84 8.23 15.39
C VAL B 67 -27.92 8.24 16.47
N PHE B 68 -27.48 8.35 17.73
CA PHE B 68 -28.38 8.33 18.87
C PHE B 68 -28.06 9.44 19.85
N GLU B 69 -29.08 9.98 20.47
CA GLU B 69 -28.90 10.69 21.72
C GLU B 69 -28.78 9.67 22.85
N ALA B 70 -27.89 9.95 23.81
CA ALA B 70 -27.59 9.02 24.89
C ALA B 70 -27.22 9.83 26.13
N ILE B 71 -27.08 9.15 27.27
CA ILE B 71 -26.61 9.77 28.51
C ILE B 71 -25.39 9.01 29.02
N ASN B 72 -24.43 9.76 29.57
CA ASN B 72 -23.32 9.17 30.29
C ASN B 72 -23.77 8.85 31.71
N ILE B 73 -23.96 7.57 32.03
CA ILE B 73 -24.53 7.21 33.33
C ILE B 73 -23.56 7.45 34.47
N THR B 74 -22.28 7.69 34.20
CA THR B 74 -21.35 7.92 35.29
C THR B 74 -21.42 9.35 35.82
N ASN B 75 -21.96 10.30 35.02
CA ASN B 75 -22.06 11.68 35.47
C ASN B 75 -23.30 12.41 34.96
N ASN B 76 -24.29 11.74 34.39
CA ASN B 76 -25.57 12.32 33.96
C ASN B 76 -25.42 13.32 32.82
N GLU B 77 -24.29 13.35 32.12
CA GLU B 77 -24.13 14.24 30.98
C GLU B 77 -24.77 13.64 29.72
N LYS B 78 -25.44 14.50 28.95
CA LYS B 78 -25.94 14.10 27.64
C LYS B 78 -24.80 13.99 26.65
N VAL B 79 -24.88 12.99 25.76
CA VAL B 79 -23.92 12.82 24.68
C VAL B 79 -24.67 12.39 23.42
N VAL B 80 -23.94 12.37 22.31
CA VAL B 80 -24.42 11.83 21.04
C VAL B 80 -23.51 10.66 20.65
N VAL B 81 -24.12 9.53 20.29
CA VAL B 81 -23.40 8.31 19.94
C VAL B 81 -23.57 8.09 18.44
N LYS B 82 -22.45 7.94 17.75
CA LYS B 82 -22.43 7.68 16.32
C LYS B 82 -21.80 6.30 16.13
N ILE B 83 -22.62 5.32 15.77
CA ILE B 83 -22.13 3.97 15.52
C ILE B 83 -21.74 3.88 14.05
N LEU B 84 -20.48 3.58 13.79
CA LEU B 84 -19.96 3.59 12.43
C LEU B 84 -20.24 2.26 11.77
N LYS B 85 -20.72 2.31 10.54
CA LYS B 85 -20.93 1.10 9.78
C LYS B 85 -19.58 0.63 9.26
N PRO B 86 -19.44 -0.64 8.91
CA PRO B 86 -18.09 -1.13 8.58
C PRO B 86 -17.55 -0.38 7.38
N VAL B 87 -16.31 0.10 7.51
CA VAL B 87 -15.54 0.71 6.43
C VAL B 87 -14.09 0.35 6.69
N LYS B 88 -13.20 0.72 5.77
CA LYS B 88 -11.79 0.41 5.93
C LYS B 88 -11.26 1.02 7.23
N LYS B 89 -10.59 0.20 8.03
CA LYS B 89 -10.09 0.65 9.33
C LYS B 89 -9.28 1.93 9.21
N LYS B 90 -8.59 2.10 8.07
CA LYS B 90 -7.87 3.34 7.74
C LYS B 90 -8.77 4.57 7.81
N LYS B 91 -10.02 4.47 7.33
CA LYS B 91 -10.88 5.65 7.33
C LYS B 91 -11.47 5.95 8.70
N ILE B 92 -11.71 4.92 9.51
CA ILE B 92 -12.14 5.16 10.89
C ILE B 92 -11.03 5.86 11.66
N LYS B 93 -9.79 5.38 11.49
CA LYS B 93 -8.66 6.00 12.17
C LYS B 93 -8.44 7.44 11.71
N ARG B 94 -8.76 7.76 10.45
CA ARG B 94 -8.60 9.12 9.98
C ARG B 94 -9.55 10.07 10.70
N GLU B 95 -10.85 9.71 10.77
CA GLU B 95 -11.81 10.55 11.45
C GLU B 95 -11.49 10.68 12.94
N ILE B 96 -11.07 9.58 13.58
CA ILE B 96 -10.75 9.62 15.01
C ILE B 96 -9.52 10.50 15.24
N LYS B 97 -8.49 10.34 14.41
CA LYS B 97 -7.29 11.13 14.64
C LYS B 97 -7.56 12.62 14.43
N ILE B 98 -8.39 12.95 13.44
CA ILE B 98 -8.69 14.37 13.20
C ILE B 98 -9.50 14.95 14.36
N LEU B 99 -10.48 14.19 14.85
CA LEU B 99 -11.27 14.65 16.00
C LEU B 99 -10.39 14.86 17.23
N GLU B 100 -9.41 13.98 17.44
CA GLU B 100 -8.54 14.14 18.60
C GLU B 100 -7.58 15.31 18.42
N ASN B 101 -7.10 15.53 17.19
CA ASN B 101 -6.21 16.67 16.96
C ASN B 101 -6.93 18.01 17.16
N LEU B 102 -8.21 18.07 16.81
CA LEU B 102 -8.95 19.32 16.83
C LEU B 102 -9.68 19.56 18.15
N ARG B 103 -9.65 18.60 19.08
CA ARG B 103 -10.43 18.72 20.30
C ARG B 103 -10.00 19.97 21.08
N GLY B 104 -10.99 20.73 21.55
CA GLY B 104 -10.72 21.97 22.25
C GLY B 104 -10.71 23.20 21.37
N GLY B 105 -10.75 23.04 20.04
CA GLY B 105 -10.75 24.16 19.14
C GLY B 105 -12.10 24.84 19.08
N PRO B 106 -12.13 26.11 18.66
CA PRO B 106 -13.38 26.88 18.73
C PRO B 106 -14.44 26.32 17.80
N ASN B 107 -15.60 26.01 18.36
CA ASN B 107 -16.79 25.59 17.61
C ASN B 107 -16.59 24.26 16.87
N ILE B 108 -15.59 23.47 17.27
CA ILE B 108 -15.41 22.10 16.78
C ILE B 108 -16.09 21.15 17.76
N ILE B 109 -16.87 20.19 17.22
CA ILE B 109 -17.49 19.19 18.08
C ILE B 109 -16.43 18.41 18.85
N THR B 110 -16.72 18.10 20.10
CA THR B 110 -15.77 17.49 21.01
C THR B 110 -15.98 15.97 21.02
N LEU B 111 -14.97 15.23 20.62
CA LEU B 111 -15.01 13.79 20.77
C LEU B 111 -14.79 13.48 22.25
N ALA B 112 -15.79 12.93 22.90
CA ALA B 112 -15.70 12.64 24.32
C ALA B 112 -15.19 11.22 24.60
N ASP B 113 -15.42 10.27 23.70
CA ASP B 113 -15.07 8.89 24.01
C ASP B 113 -15.18 8.07 22.73
N ILE B 114 -14.58 6.89 22.76
CA ILE B 114 -14.63 5.93 21.66
C ILE B 114 -14.89 4.56 22.28
N VAL B 115 -16.00 3.94 21.93
CA VAL B 115 -16.39 2.67 22.53
C VAL B 115 -16.74 1.71 21.40
N LYS B 116 -17.10 0.49 21.76
CA LYS B 116 -17.48 -0.50 20.77
C LYS B 116 -18.95 -0.86 20.94
N ASP B 117 -19.65 -0.97 19.81
CA ASP B 117 -21.02 -1.45 19.82
C ASP B 117 -21.05 -2.83 20.46
N PRO B 118 -21.87 -3.05 21.49
CA PRO B 118 -21.78 -4.34 22.21
C PRO B 118 -22.07 -5.58 21.36
N VAL B 119 -22.95 -5.51 20.36
CA VAL B 119 -23.24 -6.71 19.57
C VAL B 119 -22.23 -6.85 18.45
N SER B 120 -22.11 -5.84 17.57
CA SER B 120 -21.28 -5.97 16.38
C SER B 120 -19.82 -5.63 16.61
N ARG B 121 -19.51 -4.95 17.72
CA ARG B 121 -18.15 -4.56 18.09
C ARG B 121 -17.50 -3.63 17.06
N THR B 122 -18.31 -2.90 16.33
CA THR B 122 -17.82 -1.83 15.48
C THR B 122 -17.63 -0.58 16.31
N PRO B 123 -16.76 0.35 15.87
CA PRO B 123 -16.52 1.54 16.68
C PRO B 123 -17.75 2.41 16.77
N ALA B 124 -17.89 3.08 17.91
CA ALA B 124 -18.93 4.06 18.14
C ALA B 124 -18.26 5.28 18.74
N LEU B 125 -18.47 6.44 18.11
CA LEU B 125 -17.90 7.69 18.60
C LEU B 125 -18.91 8.36 19.51
N VAL B 126 -18.40 8.88 20.63
CA VAL B 126 -19.23 9.55 21.62
C VAL B 126 -18.88 11.03 21.58
N PHE B 127 -19.86 11.88 21.30
CA PHE B 127 -19.69 13.31 21.20
C PHE B 127 -20.44 14.00 22.34
N GLU B 128 -19.86 15.08 22.84
CA GLU B 128 -20.61 15.93 23.75
C GLU B 128 -21.83 16.51 23.04
N HIS B 129 -22.93 16.64 23.77
CA HIS B 129 -24.23 16.91 23.18
C HIS B 129 -24.37 18.35 22.69
N VAL B 130 -25.00 18.50 21.52
CA VAL B 130 -25.54 19.76 21.02
C VAL B 130 -26.99 19.50 20.67
N ASN B 131 -27.82 20.54 20.76
CA ASN B 131 -29.24 20.33 20.46
C ASN B 131 -29.43 19.82 19.04
N ASN B 132 -30.30 18.81 18.91
CA ASN B 132 -30.54 18.14 17.63
C ASN B 132 -31.28 19.06 16.67
N THR B 133 -30.66 20.19 16.35
CA THR B 133 -31.19 21.12 15.37
C THR B 133 -30.02 21.57 14.52
N ASP B 134 -30.04 21.20 13.25
CA ASP B 134 -28.95 21.60 12.35
C ASP B 134 -29.28 22.94 11.72
N PHE B 135 -28.27 23.50 11.06
CA PHE B 135 -28.38 24.83 10.48
C PHE B 135 -29.47 24.90 9.41
N LYS B 136 -29.73 23.79 8.72
CA LYS B 136 -30.64 23.80 7.58
C LYS B 136 -32.10 24.04 8.01
N GLN B 137 -32.48 23.58 9.20
CA GLN B 137 -33.85 23.76 9.68
C GLN B 137 -34.13 25.18 10.16
N LEU B 138 -33.08 25.98 10.38
CA LEU B 138 -33.16 27.29 10.99
C LEU B 138 -32.76 28.43 10.07
N TYR B 139 -31.88 28.18 9.13
CA TYR B 139 -31.16 29.26 8.46
C TYR B 139 -31.99 29.95 7.39
N GLN B 140 -33.22 29.48 7.15
CA GLN B 140 -34.13 30.18 6.27
C GLN B 140 -35.05 31.15 7.01
N THR B 141 -34.88 31.31 8.32
CA THR B 141 -35.69 32.24 9.11
C THR B 141 -34.85 33.20 9.94
N LEU B 142 -33.55 33.30 9.68
CA LEU B 142 -32.65 34.13 10.48
C LEU B 142 -32.70 35.58 10.01
N THR B 143 -32.44 36.48 10.96
CA THR B 143 -32.27 37.90 10.68
C THR B 143 -30.91 38.16 10.05
N ASP B 144 -30.70 39.40 9.59
CA ASP B 144 -29.42 39.79 9.01
C ASP B 144 -28.29 39.62 10.02
N TYR B 145 -28.48 40.11 11.25
CA TYR B 145 -27.42 40.03 12.25
C TYR B 145 -27.09 38.57 12.59
N ASP B 146 -28.11 37.70 12.62
CA ASP B 146 -27.88 36.30 12.96
C ASP B 146 -27.06 35.59 11.87
N ILE B 147 -27.29 35.93 10.60
CA ILE B 147 -26.48 35.36 9.52
C ILE B 147 -25.03 35.75 9.68
N ARG B 148 -24.78 37.04 9.93
CA ARG B 148 -23.41 37.50 10.12
C ARG B 148 -22.77 36.84 11.34
N PHE B 149 -23.57 36.65 12.40
CA PHE B 149 -23.04 36.07 13.61
C PHE B 149 -22.63 34.62 13.38
N TYR B 150 -23.52 33.82 12.78
CA TYR B 150 -23.27 32.40 12.64
C TYR B 150 -22.24 32.11 11.56
N MET B 151 -22.17 32.95 10.52
CA MET B 151 -21.08 32.81 9.56
C MET B 151 -19.73 33.01 10.23
N TYR B 152 -19.63 34.01 11.10
CA TYR B 152 -18.38 34.24 11.82
C TYR B 152 -18.05 33.07 12.74
N GLU B 153 -19.05 32.44 13.36
CA GLU B 153 -18.76 31.28 14.20
C GLU B 153 -18.27 30.10 13.37
N ILE B 154 -18.84 29.92 12.18
CA ILE B 154 -18.36 28.88 11.26
C ILE B 154 -16.93 29.17 10.83
N LEU B 155 -16.63 30.45 10.56
CA LEU B 155 -15.29 30.84 10.14
C LEU B 155 -14.26 30.54 11.21
N LYS B 156 -14.62 30.73 12.49
CA LYS B 156 -13.73 30.37 13.58
C LYS B 156 -13.36 28.89 13.52
N ALA B 157 -14.35 28.03 13.30
CA ALA B 157 -14.03 26.61 13.20
C ALA B 157 -13.13 26.35 12.00
N LEU B 158 -13.41 27.01 10.87
CA LEU B 158 -12.63 26.74 9.66
C LEU B 158 -11.20 27.26 9.78
N ASP B 159 -11.02 28.47 10.32
CA ASP B 159 -9.67 28.96 10.49
C ASP B 159 -8.91 28.07 11.46
N TYR B 160 -9.56 27.57 12.51
CA TYR B 160 -8.84 26.71 13.43
C TYR B 160 -8.44 25.40 12.77
N CYS B 161 -9.37 24.71 12.11
CA CYS B 161 -9.00 23.40 11.57
C CYS B 161 -8.03 23.54 10.41
N HIS B 162 -8.17 24.58 9.59
CA HIS B 162 -7.17 24.84 8.56
C HIS B 162 -5.78 25.10 9.18
N SER B 163 -5.73 25.93 10.25
CA SER B 163 -4.46 26.21 10.92
C SER B 163 -3.87 24.96 11.54
N MET B 164 -4.70 23.95 11.80
CA MET B 164 -4.25 22.65 12.28
C MET B 164 -4.01 21.65 11.13
N GLY B 165 -4.01 22.08 9.88
CA GLY B 165 -3.65 21.19 8.80
C GLY B 165 -4.77 20.31 8.28
N ILE B 166 -6.03 20.67 8.54
CA ILE B 166 -7.14 19.79 8.22
C ILE B 166 -8.13 20.56 7.35
N MET B 167 -8.54 19.95 6.25
CA MET B 167 -9.66 20.44 5.46
C MET B 167 -10.87 19.57 5.69
N HIS B 168 -12.00 20.22 5.93
CA HIS B 168 -13.20 19.53 6.33
C HIS B 168 -13.79 18.75 5.16
N ARG B 169 -13.92 19.43 4.01
CA ARG B 169 -14.30 18.88 2.72
C ARG B 169 -15.79 18.51 2.62
N ASP B 170 -16.58 18.81 3.65
CA ASP B 170 -18.00 18.51 3.59
C ASP B 170 -18.79 19.58 4.35
N VAL B 171 -18.40 20.85 4.17
CA VAL B 171 -19.09 21.97 4.79
C VAL B 171 -20.44 22.17 4.10
N LYS B 172 -21.52 22.08 4.86
CA LYS B 172 -22.87 22.27 4.37
C LYS B 172 -23.78 22.46 5.57
N PRO B 173 -25.00 22.98 5.36
CA PRO B 173 -25.86 23.28 6.52
C PRO B 173 -26.09 22.09 7.43
N HIS B 174 -26.27 20.90 6.86
CA HIS B 174 -26.55 19.72 7.67
C HIS B 174 -25.38 19.35 8.59
N ASN B 175 -24.17 19.89 8.36
CA ASN B 175 -23.02 19.57 9.20
C ASN B 175 -22.68 20.68 10.16
N VAL B 176 -23.59 21.61 10.39
CA VAL B 176 -23.44 22.69 11.34
C VAL B 176 -24.57 22.54 12.34
N MET B 177 -24.22 22.23 13.60
CA MET B 177 -25.21 22.11 14.67
C MET B 177 -25.32 23.43 15.39
N ILE B 178 -26.55 23.88 15.65
CA ILE B 178 -26.78 25.20 16.22
C ILE B 178 -27.77 25.10 17.38
N ASP B 179 -27.37 25.64 18.54
CA ASP B 179 -28.27 25.86 19.67
C ASP B 179 -28.60 27.35 19.64
N HIS B 180 -29.74 27.69 19.01
CA HIS B 180 -30.04 29.07 18.73
C HIS B 180 -30.30 29.87 20.00
N GLU B 181 -30.91 29.26 21.03
CA GLU B 181 -31.18 30.00 22.25
C GLU B 181 -29.89 30.48 22.90
N HIS B 182 -28.87 29.62 22.95
CA HIS B 182 -27.59 29.98 23.56
C HIS B 182 -26.59 30.47 22.53
N ARG B 183 -27.00 30.54 21.26
CA ARG B 183 -26.17 31.08 20.18
C ARG B 183 -24.81 30.38 20.13
N LYS B 184 -24.86 29.06 20.21
CA LYS B 184 -23.66 28.25 20.08
C LYS B 184 -23.79 27.35 18.87
N LEU B 185 -22.65 27.06 18.26
CA LEU B 185 -22.62 26.41 16.97
C LEU B 185 -21.44 25.45 16.94
N ARG B 186 -21.64 24.30 16.32
CA ARG B 186 -20.58 23.30 16.24
C ARG B 186 -20.52 22.76 14.82
N LEU B 187 -19.31 22.73 14.27
CA LEU B 187 -19.07 22.05 13.00
C LEU B 187 -18.85 20.57 13.28
N ILE B 188 -19.66 19.71 12.65
CA ILE B 188 -19.66 18.29 12.96
C ILE B 188 -19.30 17.49 11.72
N ASP B 189 -19.33 16.16 11.86
CA ASP B 189 -19.13 15.16 10.81
C ASP B 189 -17.82 15.35 10.05
N TRP B 190 -16.71 14.95 10.67
CA TRP B 190 -15.38 15.05 10.11
C TRP B 190 -14.95 13.77 9.40
N GLY B 191 -15.91 12.94 8.98
CA GLY B 191 -15.63 11.68 8.31
C GLY B 191 -15.06 11.82 6.91
N LEU B 192 -15.23 13.00 6.28
CA LEU B 192 -14.60 13.25 4.99
C LEU B 192 -13.35 14.12 5.09
N ALA B 193 -12.98 14.56 6.29
CA ALA B 193 -11.85 15.47 6.46
C ALA B 193 -10.53 14.78 6.13
N GLU B 194 -9.55 15.57 5.69
CA GLU B 194 -8.23 15.04 5.35
C GLU B 194 -7.15 16.00 5.83
N PHE B 195 -5.94 15.45 5.99
CA PHE B 195 -4.77 16.28 6.26
C PHE B 195 -4.25 16.89 4.97
N TYR B 196 -3.97 18.19 5.00
CA TYR B 196 -3.38 18.85 3.84
C TYR B 196 -1.86 18.69 3.83
N HIS B 197 -1.33 18.20 2.70
CA HIS B 197 0.11 18.10 2.50
C HIS B 197 0.43 18.72 1.15
N PRO B 198 1.41 19.61 1.07
CA PRO B 198 1.72 20.26 -0.22
C PRO B 198 2.06 19.22 -1.29
N GLY B 199 1.50 19.41 -2.49
CA GLY B 199 1.72 18.51 -3.60
C GLY B 199 0.87 17.26 -3.62
N GLN B 200 0.08 17.02 -2.59
CA GLN B 200 -0.73 15.80 -2.52
C GLN B 200 -1.91 15.93 -3.46
N GLU B 201 -2.27 14.83 -4.11
CA GLU B 201 -3.44 14.77 -4.98
C GLU B 201 -4.57 14.02 -4.26
N TYR B 202 -5.73 14.68 -4.14
CA TYR B 202 -6.85 14.15 -3.37
C TYR B 202 -7.99 13.64 -4.25
N ASN B 203 -8.87 12.85 -3.64
CA ASN B 203 -10.06 12.38 -4.33
C ASN B 203 -11.01 13.54 -4.57
N VAL B 204 -11.48 13.70 -5.82
CA VAL B 204 -12.44 14.77 -6.13
C VAL B 204 -13.89 14.36 -5.91
N ARG B 205 -14.14 13.09 -5.66
CA ARG B 205 -15.48 12.59 -5.36
C ARG B 205 -15.76 12.75 -3.86
N VAL B 206 -15.76 14.01 -3.42
CA VAL B 206 -16.07 14.36 -2.03
C VAL B 206 -17.13 15.46 -2.04
N ALA B 207 -17.66 15.76 -0.84
CA ALA B 207 -18.70 16.75 -0.60
C ALA B 207 -20.01 16.42 -1.28
N SER B 208 -21.08 17.13 -0.93
CA SER B 208 -22.36 16.98 -1.60
C SER B 208 -22.41 17.88 -2.84
N ARG B 209 -23.18 17.42 -3.85
CA ARG B 209 -23.15 18.03 -5.17
C ARG B 209 -23.29 19.56 -5.15
N TYR B 210 -24.28 20.07 -4.42
CA TYR B 210 -24.58 21.50 -4.45
C TYR B 210 -23.45 22.35 -3.88
N PHE B 211 -22.56 21.75 -3.10
CA PHE B 211 -21.50 22.46 -2.41
C PHE B 211 -20.12 22.13 -2.95
N LYS B 212 -20.04 21.37 -4.05
CA LYS B 212 -18.77 21.03 -4.66
C LYS B 212 -18.13 22.24 -5.33
N GLY B 213 -16.88 22.52 -5.00
CA GLY B 213 -16.13 23.56 -5.67
C GLY B 213 -15.82 23.17 -7.11
N PRO B 214 -15.58 24.19 -7.94
CA PRO B 214 -15.21 23.92 -9.34
C PRO B 214 -14.03 22.97 -9.49
N GLU B 215 -13.06 22.98 -8.56
CA GLU B 215 -11.95 22.03 -8.65
C GLU B 215 -12.43 20.58 -8.60
N LEU B 216 -13.48 20.30 -7.81
CA LEU B 216 -13.98 18.92 -7.81
C LEU B 216 -14.69 18.60 -9.12
N LEU B 217 -15.40 19.57 -9.68
CA LEU B 217 -16.25 19.35 -10.85
C LEU B 217 -15.42 19.20 -12.13
N VAL B 218 -14.30 19.92 -12.25
CA VAL B 218 -13.43 19.75 -13.40
C VAL B 218 -12.29 18.77 -13.14
N ASP B 219 -12.26 18.12 -11.97
CA ASP B 219 -11.29 17.05 -11.68
C ASP B 219 -9.86 17.57 -11.53
N TYR B 220 -9.68 18.59 -10.69
CA TYR B 220 -8.36 19.09 -10.33
C TYR B 220 -8.04 18.58 -8.92
N GLN B 221 -7.04 17.72 -8.80
CA GLN B 221 -6.85 16.95 -7.57
C GLN B 221 -5.97 17.65 -6.55
N MET B 222 -5.17 18.62 -6.94
CA MET B 222 -4.22 19.23 -6.01
C MET B 222 -4.86 20.43 -5.31
N TYR B 223 -5.99 20.19 -4.64
CA TYR B 223 -6.71 21.26 -3.98
C TYR B 223 -6.29 21.37 -2.52
N ASP B 224 -6.93 22.27 -1.76
CA ASP B 224 -6.48 22.57 -0.40
C ASP B 224 -7.65 23.11 0.42
N TYR B 225 -7.33 23.83 1.50
CA TYR B 225 -8.35 24.32 2.43
C TYR B 225 -9.39 25.20 1.76
N SER B 226 -9.02 25.87 0.66
CA SER B 226 -9.92 26.80 -0.02
C SER B 226 -11.17 26.10 -0.55
N LEU B 227 -11.13 24.77 -0.67
CA LEU B 227 -12.33 24.02 -1.01
C LEU B 227 -13.46 24.33 -0.02
N ASP B 228 -13.12 24.41 1.27
CA ASP B 228 -14.12 24.73 2.29
C ASP B 228 -14.68 26.13 2.12
N MET B 229 -13.90 27.06 1.57
CA MET B 229 -14.38 28.43 1.45
C MET B 229 -15.40 28.55 0.32
N TRP B 230 -15.24 27.75 -0.74
CA TRP B 230 -16.30 27.68 -1.75
C TRP B 230 -17.61 27.23 -1.14
N SER B 231 -17.57 26.13 -0.37
CA SER B 231 -18.77 25.60 0.27
C SER B 231 -19.43 26.64 1.16
N LEU B 232 -18.64 27.37 1.94
CA LEU B 232 -19.18 28.42 2.79
C LEU B 232 -19.87 29.50 1.97
N GLY B 233 -19.27 29.89 0.84
CA GLY B 233 -19.93 30.84 -0.05
C GLY B 233 -21.27 30.35 -0.56
N CYS B 234 -21.37 29.04 -0.85
CA CYS B 234 -22.65 28.48 -1.26
C CYS B 234 -23.68 28.56 -0.13
N MET B 235 -23.27 28.28 1.10
CA MET B 235 -24.18 28.44 2.22
C MET B 235 -24.60 29.90 2.37
N LEU B 236 -23.63 30.82 2.29
CA LEU B 236 -23.93 32.23 2.48
C LEU B 236 -24.89 32.72 1.41
N ALA B 237 -24.63 32.36 0.15
CA ALA B 237 -25.51 32.76 -0.93
C ALA B 237 -26.92 32.23 -0.71
N SER B 238 -27.02 30.99 -0.26
CA SER B 238 -28.32 30.39 0.01
C SER B 238 -29.10 31.17 1.07
N MET B 239 -28.39 31.69 2.07
CA MET B 239 -29.07 32.34 3.20
C MET B 239 -29.53 33.74 2.88
N ILE B 240 -28.66 34.59 2.34
CA ILE B 240 -29.03 35.98 2.12
C ILE B 240 -30.02 36.12 0.96
N PHE B 241 -30.02 35.17 0.03
CA PHE B 241 -30.96 35.22 -1.08
C PHE B 241 -32.19 34.35 -0.87
N ARG B 242 -32.20 33.52 0.19
CA ARG B 242 -33.29 32.60 0.45
C ARG B 242 -33.58 31.75 -0.78
N LYS B 243 -32.53 31.09 -1.26
CA LYS B 243 -32.63 30.17 -2.38
C LYS B 243 -31.80 28.96 -2.01
N GLU B 244 -32.45 27.80 -1.92
CA GLU B 244 -31.90 26.60 -1.31
C GLU B 244 -32.10 25.40 -2.22
N PRO B 245 -31.03 24.80 -2.76
CA PRO B 245 -29.62 25.21 -2.66
C PRO B 245 -29.41 26.39 -3.60
N PHE B 246 -28.28 27.12 -3.52
CA PHE B 246 -28.12 28.24 -4.44
C PHE B 246 -27.83 27.78 -5.85
N PHE B 247 -26.92 26.81 -6.01
CA PHE B 247 -26.58 26.21 -7.29
C PHE B 247 -27.22 24.83 -7.35
N HIS B 248 -28.27 24.67 -8.15
CA HIS B 248 -29.14 23.51 -8.06
C HIS B 248 -29.02 22.63 -9.32
N GLY B 249 -27.87 21.98 -9.47
CA GLY B 249 -27.65 21.10 -10.61
C GLY B 249 -28.25 19.72 -10.42
N HIS B 250 -28.67 19.12 -11.54
N HIS B 250 -28.66 19.08 -11.53
CA HIS B 250 -29.22 17.76 -11.53
CA HIS B 250 -29.21 17.74 -11.45
C HIS B 250 -28.13 16.70 -11.39
C HIS B 250 -28.16 16.63 -11.53
N ASP B 251 -26.93 16.97 -11.91
CA ASP B 251 -25.79 16.05 -11.77
C ASP B 251 -24.50 16.88 -11.76
N ASN B 252 -23.35 16.20 -11.76
CA ASN B 252 -22.09 16.92 -11.62
C ASN B 252 -21.81 17.83 -12.81
N TYR B 253 -22.18 17.41 -14.04
CA TYR B 253 -21.94 18.24 -15.20
C TYR B 253 -22.84 19.47 -15.19
N ASP B 254 -24.15 19.26 -14.93
CA ASP B 254 -25.07 20.38 -14.86
C ASP B 254 -24.73 21.32 -13.70
N GLN B 255 -24.12 20.79 -12.64
CA GLN B 255 -23.72 21.63 -11.51
C GLN B 255 -22.74 22.71 -11.96
N LEU B 256 -21.76 22.35 -12.78
CA LEU B 256 -20.84 23.37 -13.28
C LEU B 256 -21.55 24.37 -14.19
N VAL B 257 -22.53 23.90 -14.99
CA VAL B 257 -23.30 24.81 -15.84
C VAL B 257 -24.10 25.80 -14.99
N ARG B 258 -24.72 25.33 -13.91
CA ARG B 258 -25.44 26.25 -13.02
C ARG B 258 -24.52 27.34 -12.50
N ILE B 259 -23.29 26.95 -12.12
CA ILE B 259 -22.32 27.91 -11.61
C ILE B 259 -21.89 28.89 -12.70
N ALA B 260 -21.63 28.39 -13.91
CA ALA B 260 -21.17 29.25 -15.00
C ALA B 260 -22.24 30.25 -15.43
N LYS B 261 -23.51 29.88 -15.34
CA LYS B 261 -24.57 30.84 -15.67
C LYS B 261 -24.66 31.99 -14.67
N VAL B 262 -23.99 31.88 -13.52
CA VAL B 262 -23.95 32.97 -12.54
C VAL B 262 -22.61 33.70 -12.58
N LEU B 263 -21.50 32.95 -12.47
CA LEU B 263 -20.18 33.59 -12.41
C LEU B 263 -19.61 33.92 -13.79
N GLY B 264 -20.23 33.47 -14.87
CA GLY B 264 -19.71 33.67 -16.21
C GLY B 264 -18.66 32.63 -16.58
N THR B 265 -18.49 32.43 -17.88
CA THR B 265 -17.52 31.46 -18.37
C THR B 265 -16.13 32.04 -18.56
N GLU B 266 -16.00 33.37 -18.63
CA GLU B 266 -14.68 33.95 -18.85
C GLU B 266 -13.69 33.51 -17.77
N ASP B 267 -14.06 33.66 -16.48
CA ASP B 267 -13.20 33.24 -15.39
C ASP B 267 -13.08 31.74 -15.25
N LEU B 268 -14.06 30.99 -15.75
CA LEU B 268 -13.94 29.54 -15.77
C LEU B 268 -12.84 29.11 -16.73
N TYR B 269 -12.82 29.66 -17.95
CA TYR B 269 -11.85 29.22 -18.92
C TYR B 269 -10.45 29.72 -18.58
N ASP B 270 -10.34 30.90 -17.95
CA ASP B 270 -9.07 31.35 -17.40
C ASP B 270 -8.52 30.37 -16.37
N TYR B 271 -9.40 29.80 -15.53
CA TYR B 271 -8.99 28.84 -14.52
C TYR B 271 -8.45 27.57 -15.16
N ILE B 272 -9.20 27.03 -16.12
CA ILE B 272 -8.80 25.80 -16.81
C ILE B 272 -7.49 26.01 -17.55
N ASP B 273 -7.31 27.18 -18.20
CA ASP B 273 -6.08 27.48 -18.90
C ASP B 273 -4.92 27.65 -17.93
N LYS B 274 -5.16 28.33 -16.81
CA LYS B 274 -4.09 28.59 -15.86
C LYS B 274 -3.50 27.30 -15.31
N TYR B 275 -4.35 26.34 -14.97
CA TYR B 275 -3.84 25.11 -14.38
C TYR B 275 -3.69 23.99 -15.38
N ASN B 276 -3.88 24.27 -16.67
CA ASN B 276 -3.75 23.28 -17.74
C ASN B 276 -4.63 22.08 -17.45
N ILE B 277 -5.88 22.35 -17.10
CA ILE B 277 -6.83 21.32 -16.71
C ILE B 277 -7.45 20.71 -17.97
N GLU B 278 -7.54 19.38 -18.01
CA GLU B 278 -8.18 18.69 -19.14
C GLU B 278 -9.66 18.52 -18.86
N LEU B 279 -10.48 19.30 -19.55
CA LEU B 279 -11.92 19.25 -19.36
C LEU B 279 -12.45 17.95 -19.93
N ASP B 280 -13.23 17.23 -19.13
CA ASP B 280 -14.00 16.12 -19.63
C ASP B 280 -14.68 16.55 -20.93
N PRO B 281 -14.55 15.78 -22.02
CA PRO B 281 -15.11 16.24 -23.31
C PRO B 281 -16.62 16.43 -23.27
N ARG B 282 -17.33 15.82 -22.32
CA ARG B 282 -18.76 16.05 -22.22
C ARG B 282 -19.09 17.48 -21.83
N PHE B 283 -18.16 18.22 -21.21
CA PHE B 283 -18.46 19.59 -20.83
C PHE B 283 -18.52 20.51 -22.04
N ASN B 284 -17.77 20.20 -23.09
CA ASN B 284 -17.66 21.12 -24.21
C ASN B 284 -19.02 21.33 -24.88
N ASP B 285 -19.86 20.31 -24.89
CA ASP B 285 -21.14 20.40 -25.57
C ASP B 285 -22.18 21.18 -24.79
N ILE B 286 -21.96 21.42 -23.50
CA ILE B 286 -22.94 22.13 -22.68
C ILE B 286 -22.40 23.43 -22.12
N LEU B 287 -21.09 23.64 -22.07
CA LEU B 287 -20.50 24.87 -21.58
C LEU B 287 -20.39 25.85 -22.75
N GLY B 288 -21.23 26.85 -22.74
CA GLY B 288 -21.22 27.80 -23.82
C GLY B 288 -20.40 29.00 -23.44
N ARG B 289 -20.92 30.16 -23.77
CA ARG B 289 -20.39 31.43 -23.29
C ARG B 289 -21.51 32.02 -22.46
N HIS B 290 -21.18 32.43 -21.23
CA HIS B 290 -22.13 33.05 -20.33
C HIS B 290 -21.49 34.28 -19.72
N SER B 291 -22.24 35.38 -19.69
CA SER B 291 -21.78 36.55 -18.97
C SER B 291 -21.96 36.33 -17.48
N ARG B 292 -21.18 37.06 -16.69
CA ARG B 292 -21.40 37.09 -15.25
C ARG B 292 -22.70 37.82 -14.94
N LYS B 293 -23.53 37.24 -14.09
CA LYS B 293 -24.72 37.93 -13.61
C LYS B 293 -24.36 38.63 -12.31
N ARG B 294 -24.66 39.93 -12.23
CA ARG B 294 -24.42 40.68 -11.02
C ARG B 294 -25.36 40.19 -9.91
N TRP B 295 -24.86 40.22 -8.67
CA TRP B 295 -25.57 39.60 -7.56
C TRP B 295 -26.92 40.24 -7.29
N GLU B 296 -27.12 41.52 -7.64
CA GLU B 296 -28.41 42.17 -7.43
C GLU B 296 -29.56 41.52 -8.18
N ARG B 297 -29.26 40.74 -9.23
CA ARG B 297 -30.31 40.07 -9.98
C ARG B 297 -31.10 39.08 -9.12
N PHE B 298 -30.54 38.65 -7.98
CA PHE B 298 -31.17 37.71 -7.08
C PHE B 298 -31.90 38.39 -5.92
N VAL B 299 -31.85 39.72 -5.84
CA VAL B 299 -32.49 40.45 -4.75
C VAL B 299 -33.94 40.69 -5.08
N HIS B 300 -34.82 40.45 -4.10
CA HIS B 300 -36.23 40.79 -4.22
C HIS B 300 -36.75 41.20 -2.85
N SER B 301 -38.05 41.50 -2.80
CA SER B 301 -38.61 42.09 -1.59
C SER B 301 -38.56 41.13 -0.40
N GLU B 302 -38.52 39.82 -0.65
CA GLU B 302 -38.58 38.85 0.42
C GLU B 302 -37.21 38.50 1.00
N ASN B 303 -36.12 39.05 0.43
CA ASN B 303 -34.80 38.83 0.99
C ASN B 303 -33.97 40.10 1.09
N GLN B 304 -34.47 41.24 0.63
CA GLN B 304 -33.65 42.44 0.52
C GLN B 304 -33.13 42.89 1.88
N HIS B 305 -33.85 42.54 2.96
CA HIS B 305 -33.40 42.89 4.29
C HIS B 305 -32.14 42.14 4.71
N LEU B 306 -31.83 41.02 4.06
CA LEU B 306 -30.62 40.26 4.35
C LEU B 306 -29.46 40.61 3.44
N VAL B 307 -29.71 41.38 2.38
CA VAL B 307 -28.72 41.70 1.36
C VAL B 307 -28.24 43.12 1.58
N SER B 308 -26.93 43.30 1.60
CA SER B 308 -26.31 44.60 1.77
C SER B 308 -25.13 44.69 0.84
N PRO B 309 -24.61 45.89 0.60
CA PRO B 309 -23.36 46.00 -0.18
C PRO B 309 -22.21 45.19 0.42
N GLU B 310 -22.07 45.19 1.74
CA GLU B 310 -20.97 44.46 2.36
C GLU B 310 -21.17 42.96 2.19
N ALA B 311 -22.42 42.50 2.27
CA ALA B 311 -22.71 41.08 2.09
C ALA B 311 -22.39 40.64 0.67
N LEU B 312 -22.74 41.46 -0.32
CA LEU B 312 -22.49 41.10 -1.72
C LEU B 312 -21.00 41.11 -2.04
N ASP B 313 -20.26 42.08 -1.47
CA ASP B 313 -18.82 42.11 -1.67
C ASP B 313 -18.15 40.88 -1.04
N PHE B 314 -18.61 40.50 0.15
CA PHE B 314 -18.07 39.31 0.82
C PHE B 314 -18.36 38.07 0.01
N LEU B 315 -19.61 37.90 -0.42
CA LEU B 315 -20.00 36.72 -1.20
C LEU B 315 -19.18 36.62 -2.48
N ASP B 316 -18.98 37.74 -3.17
CA ASP B 316 -18.27 37.71 -4.44
C ASP B 316 -16.82 37.27 -4.25
N LYS B 317 -16.25 37.48 -3.08
CA LYS B 317 -14.87 37.13 -2.81
C LYS B 317 -14.71 35.70 -2.32
N LEU B 318 -15.81 35.02 -1.97
CA LEU B 318 -15.78 33.60 -1.66
C LEU B 318 -15.98 32.74 -2.90
N LEU B 319 -16.92 33.11 -3.77
CA LEU B 319 -17.31 32.31 -4.92
C LEU B 319 -16.46 32.70 -6.14
N ARG B 320 -15.21 32.23 -6.13
CA ARG B 320 -14.27 32.39 -7.24
C ARG B 320 -13.91 31.01 -7.79
N TYR B 321 -13.83 30.88 -9.12
CA TYR B 321 -13.38 29.62 -9.69
C TYR B 321 -12.00 29.23 -9.18
N ASP B 322 -11.05 30.16 -9.27
CA ASP B 322 -9.67 29.89 -8.92
C ASP B 322 -9.58 29.77 -7.41
N HIS B 323 -9.34 28.54 -6.92
CA HIS B 323 -9.28 28.29 -5.49
C HIS B 323 -8.27 29.19 -4.80
N GLN B 324 -7.17 29.56 -5.48
CA GLN B 324 -6.19 30.44 -4.86
C GLN B 324 -6.70 31.86 -4.67
N SER B 325 -7.71 32.28 -5.43
CA SER B 325 -8.20 33.65 -5.34
C SER B 325 -9.27 33.84 -4.28
N ARG B 326 -9.78 32.76 -3.70
CA ARG B 326 -10.81 32.89 -2.68
C ARG B 326 -10.21 33.43 -1.38
N LEU B 327 -11.01 34.19 -0.65
CA LEU B 327 -10.63 34.57 0.71
C LEU B 327 -10.30 33.32 1.53
N THR B 328 -9.25 33.40 2.33
CA THR B 328 -9.04 32.41 3.36
C THR B 328 -10.03 32.69 4.49
N ALA B 329 -10.12 31.73 5.42
CA ALA B 329 -11.06 31.90 6.52
C ALA B 329 -10.72 33.13 7.36
N ARG B 330 -9.44 33.37 7.65
CA ARG B 330 -9.11 34.53 8.45
C ARG B 330 -9.39 35.83 7.69
N GLU B 331 -8.94 35.91 6.42
CA GLU B 331 -9.26 37.09 5.62
C GLU B 331 -10.78 37.33 5.62
N ALA B 332 -11.56 36.25 5.52
CA ALA B 332 -13.02 36.38 5.55
C ALA B 332 -13.49 37.00 6.85
N MET B 333 -12.88 36.62 7.98
CA MET B 333 -13.27 37.16 9.29
C MET B 333 -12.99 38.66 9.42
N GLU B 334 -12.05 39.21 8.64
CA GLU B 334 -11.73 40.63 8.63
C GLU B 334 -12.63 41.44 7.71
N HIS B 335 -13.58 40.83 7.02
CA HIS B 335 -14.38 41.59 6.08
C HIS B 335 -15.33 42.54 6.81
N PRO B 336 -15.58 43.73 6.23
CA PRO B 336 -16.48 44.70 6.86
C PRO B 336 -17.85 44.14 7.18
N TYR B 337 -18.24 43.07 6.46
CA TYR B 337 -19.49 42.37 6.72
C TYR B 337 -19.61 41.96 8.18
N PHE B 338 -18.49 41.73 8.85
CA PHE B 338 -18.51 41.24 10.21
C PHE B 338 -18.13 42.31 11.22
N TYR B 339 -18.07 43.58 10.81
CA TYR B 339 -17.60 44.61 11.73
C TYR B 339 -18.46 44.67 13.00
N THR B 340 -19.77 44.54 12.85
CA THR B 340 -20.65 44.62 14.01
C THR B 340 -20.53 43.38 14.90
N VAL B 341 -20.43 42.18 14.32
CA VAL B 341 -20.30 40.98 15.16
C VAL B 341 -18.99 41.03 15.95
N VAL B 342 -17.92 41.49 15.31
CA VAL B 342 -16.65 41.64 15.99
C VAL B 342 -16.76 42.70 17.08
N LYS B 343 -17.44 43.83 16.78
CA LYS B 343 -17.58 44.87 17.80
C LYS B 343 -18.37 44.34 18.99
N ASP B 344 -19.54 43.76 18.74
CA ASP B 344 -20.41 43.28 19.81
C ASP B 344 -19.84 42.08 20.56
N GLN B 345 -18.92 41.33 19.94
CA GLN B 345 -18.31 40.20 20.63
C GLN B 345 -17.30 40.65 21.67
N ALA B 346 -16.74 41.84 21.52
CA ALA B 346 -15.77 42.39 22.46
C ALA B 346 -16.43 43.36 23.42
N SER C 16 18.08 -0.30 21.61
CA SER C 16 18.32 -1.62 21.05
C SER C 16 19.43 -1.61 19.99
N GLY C 17 19.51 -0.51 19.23
CA GLY C 17 20.48 -0.39 18.17
C GLY C 17 19.86 -0.77 16.83
N PRO C 18 20.50 -0.41 15.73
CA PRO C 18 19.94 -0.75 14.41
C PRO C 18 20.04 -2.24 14.15
N VAL C 19 19.14 -2.72 13.30
CA VAL C 19 19.14 -4.15 12.94
C VAL C 19 20.31 -4.43 12.00
N PRO C 20 21.07 -5.50 12.22
CA PRO C 20 22.21 -5.79 11.34
C PRO C 20 21.73 -6.23 9.95
N SER C 21 22.68 -6.24 9.02
CA SER C 21 22.38 -6.54 7.63
C SER C 21 23.55 -7.29 7.01
N ARG C 22 23.25 -8.16 6.05
CA ARG C 22 24.27 -8.89 5.32
C ARG C 22 24.03 -8.76 3.83
N ALA C 23 25.12 -8.63 3.07
CA ALA C 23 25.00 -8.64 1.62
C ALA C 23 24.34 -9.94 1.17
N ARG C 24 23.49 -9.82 0.16
CA ARG C 24 22.77 -10.96 -0.38
C ARG C 24 23.66 -11.86 -1.26
N VAL C 25 24.73 -11.31 -1.83
CA VAL C 25 25.67 -12.07 -2.66
C VAL C 25 27.08 -11.75 -2.19
N TYR C 26 28.00 -12.67 -2.51
CA TYR C 26 29.43 -12.48 -2.25
C TYR C 26 29.68 -12.07 -0.80
N THR C 27 28.89 -12.64 0.11
CA THR C 27 28.89 -12.17 1.50
C THR C 27 30.25 -12.41 2.17
N ASP C 28 30.83 -13.59 1.97
CA ASP C 28 32.01 -13.98 2.73
C ASP C 28 33.25 -14.18 1.86
N VAL C 29 33.30 -13.57 0.67
CA VAL C 29 34.46 -13.79 -0.20
C VAL C 29 35.74 -13.30 0.49
N ASN C 30 35.69 -12.20 1.23
CA ASN C 30 36.90 -11.72 1.91
C ASN C 30 37.21 -12.52 3.16
N THR C 31 36.18 -12.94 3.89
CA THR C 31 36.37 -13.80 5.06
C THR C 31 37.11 -15.08 4.69
N HIS C 32 36.84 -15.61 3.49
CA HIS C 32 37.42 -16.87 3.04
C HIS C 32 38.72 -16.69 2.27
N ARG C 33 39.21 -15.45 2.10
CA ARG C 33 40.49 -15.19 1.45
C ARG C 33 41.63 -15.27 2.47
N PRO C 34 42.85 -15.51 2.00
CA PRO C 34 44.01 -15.24 2.86
C PRO C 34 44.04 -13.77 3.27
N ARG C 35 44.46 -13.54 4.52
CA ARG C 35 44.42 -12.20 5.07
C ARG C 35 45.16 -11.21 4.19
N GLU C 36 46.18 -11.67 3.48
CA GLU C 36 46.97 -10.79 2.63
C GLU C 36 46.12 -10.09 1.56
N TYR C 37 45.01 -10.71 1.15
CA TYR C 37 44.19 -10.14 0.07
C TYR C 37 43.52 -8.84 0.50
N TRP C 38 43.00 -8.76 1.72
CA TRP C 38 42.26 -7.58 2.14
C TRP C 38 42.99 -6.73 3.17
N ASP C 39 44.09 -7.23 3.75
CA ASP C 39 44.84 -6.50 4.76
C ASP C 39 45.77 -5.51 4.06
N TYR C 40 45.18 -4.42 3.58
CA TYR C 40 45.93 -3.48 2.75
C TYR C 40 46.94 -2.67 3.55
N GLU C 41 46.73 -2.48 4.85
CA GLU C 41 47.64 -1.64 5.63
C GLU C 41 49.01 -2.28 5.76
N SER C 42 49.08 -3.60 5.71
CA SER C 42 50.33 -4.34 5.75
C SER C 42 50.92 -4.58 4.35
N HIS C 43 50.33 -3.99 3.31
CA HIS C 43 50.79 -4.22 1.95
C HIS C 43 52.12 -3.50 1.71
N VAL C 44 53.05 -4.20 1.06
CA VAL C 44 54.35 -3.63 0.71
C VAL C 44 54.30 -3.18 -0.74
N VAL C 45 54.44 -1.88 -0.97
CA VAL C 45 54.37 -1.32 -2.32
C VAL C 45 55.66 -1.60 -3.06
N GLU C 46 55.55 -2.14 -4.27
CA GLU C 46 56.69 -2.27 -5.18
C GLU C 46 56.76 -1.00 -6.02
N TRP C 47 57.77 -0.19 -5.77
CA TRP C 47 57.89 1.11 -6.42
C TRP C 47 58.65 0.97 -7.73
N GLY C 48 58.08 1.49 -8.80
CA GLY C 48 58.76 1.58 -10.07
C GLY C 48 59.65 2.81 -10.08
N ASN C 49 60.00 3.24 -11.29
CA ASN C 49 60.91 4.36 -11.45
C ASN C 49 60.16 5.56 -12.02
N GLN C 50 60.13 6.66 -11.25
CA GLN C 50 59.43 7.86 -11.68
C GLN C 50 60.00 8.42 -12.99
N ASP C 51 61.30 8.23 -13.21
CA ASP C 51 61.94 8.75 -14.42
C ASP C 51 61.51 8.01 -15.68
N ASP C 52 60.81 6.87 -15.56
CA ASP C 52 60.26 6.20 -16.72
C ASP C 52 59.16 7.00 -17.39
N TYR C 53 58.61 8.01 -16.71
CA TYR C 53 57.41 8.67 -17.19
C TYR C 53 57.65 10.17 -17.30
N GLN C 54 57.03 10.78 -18.30
CA GLN C 54 57.11 12.22 -18.52
C GLN C 54 55.69 12.77 -18.68
N LEU C 55 55.32 13.72 -17.82
CA LEU C 55 54.01 14.35 -17.89
C LEU C 55 53.86 15.17 -19.17
N VAL C 56 52.68 15.08 -19.79
CA VAL C 56 52.42 15.73 -21.08
C VAL C 56 51.46 16.91 -20.92
N ARG C 57 50.32 16.70 -20.28
CA ARG C 57 49.41 17.80 -20.02
C ARG C 57 48.50 17.45 -18.86
N LYS C 58 47.97 18.49 -18.24
CA LYS C 58 47.05 18.34 -17.13
C LYS C 58 45.63 18.07 -17.63
N LEU C 59 44.97 17.10 -16.99
CA LEU C 59 43.60 16.74 -17.32
C LEU C 59 42.58 17.34 -16.36
N GLY C 60 43.01 17.70 -15.16
CA GLY C 60 42.10 18.23 -14.16
C GLY C 60 42.64 17.98 -12.77
N ARG C 61 41.93 18.54 -11.78
CA ARG C 61 42.32 18.45 -10.39
C ARG C 61 41.12 17.95 -9.59
N GLY C 62 41.34 16.89 -8.81
CA GLY C 62 40.34 16.40 -7.89
C GLY C 62 40.57 16.89 -6.47
N LYS C 63 39.64 16.49 -5.60
CA LYS C 63 39.74 16.86 -4.19
C LYS C 63 40.92 16.18 -3.51
N TYR C 64 41.32 14.99 -4.00
CA TYR C 64 42.45 14.26 -3.42
C TYR C 64 43.48 13.87 -4.47
N SER C 65 43.46 14.47 -5.66
CA SER C 65 44.36 14.02 -6.71
C SER C 65 44.47 15.06 -7.82
N GLU C 66 45.59 14.99 -8.54
CA GLU C 66 45.80 15.68 -9.81
C GLU C 66 46.12 14.63 -10.87
N VAL C 67 45.49 14.75 -12.04
CA VAL C 67 45.59 13.73 -13.08
C VAL C 67 46.22 14.35 -14.33
N PHE C 68 47.21 13.66 -14.89
CA PHE C 68 47.96 14.11 -16.05
C PHE C 68 47.99 13.01 -17.11
N GLU C 69 47.94 13.42 -18.37
CA GLU C 69 48.36 12.54 -19.44
C GLU C 69 49.88 12.55 -19.48
N ALA C 70 50.47 11.37 -19.71
CA ALA C 70 51.92 11.25 -19.65
C ALA C 70 52.37 10.20 -20.64
N ILE C 71 53.69 10.14 -20.87
CA ILE C 71 54.30 9.16 -21.75
C ILE C 71 55.33 8.35 -20.98
N ASN C 72 55.38 7.05 -21.25
CA ASN C 72 56.48 6.19 -20.80
C ASN C 72 57.64 6.37 -21.77
N ILE C 73 58.70 7.05 -21.34
CA ILE C 73 59.81 7.36 -22.24
C ILE C 73 60.65 6.12 -22.57
N THR C 74 60.51 5.03 -21.81
CA THR C 74 61.27 3.83 -22.14
C THR C 74 60.63 3.02 -23.25
N ASN C 75 59.34 3.23 -23.52
CA ASN C 75 58.70 2.45 -24.58
C ASN C 75 57.65 3.24 -25.36
N ASN C 76 57.61 4.56 -25.23
CA ASN C 76 56.72 5.43 -26.02
C ASN C 76 55.24 5.15 -25.76
N GLU C 77 54.90 4.44 -24.68
CA GLU C 77 53.51 4.19 -24.37
C GLU C 77 52.89 5.40 -23.68
N LYS C 78 51.66 5.73 -24.08
CA LYS C 78 50.88 6.71 -23.35
C LYS C 78 50.35 6.11 -22.06
N VAL C 79 50.37 6.90 -20.99
CA VAL C 79 49.85 6.50 -19.69
C VAL C 79 49.11 7.69 -19.09
N VAL C 80 48.41 7.42 -18.00
CA VAL C 80 47.74 8.43 -17.19
C VAL C 80 48.35 8.40 -15.79
N VAL C 81 48.73 9.56 -15.28
CA VAL C 81 49.36 9.65 -13.97
C VAL C 81 48.41 10.35 -13.02
N LYS C 82 48.14 9.73 -11.87
CA LYS C 82 47.32 10.32 -10.82
C LYS C 82 48.24 10.54 -9.63
N ILE C 83 48.51 11.80 -9.33
CA ILE C 83 49.36 12.17 -8.21
C ILE C 83 48.49 12.29 -6.96
N LEU C 84 48.85 11.53 -5.94
CA LEU C 84 48.06 11.43 -4.71
C LEU C 84 48.43 12.56 -3.76
N LYS C 85 47.43 13.17 -3.16
CA LYS C 85 47.74 14.28 -2.28
C LYS C 85 47.81 13.80 -0.84
N PRO C 86 48.43 14.59 0.05
CA PRO C 86 48.73 14.07 1.40
C PRO C 86 47.54 13.63 2.22
N VAL C 87 47.10 12.40 1.98
CA VAL C 87 46.16 11.73 2.85
C VAL C 87 46.95 10.72 3.68
N LYS C 88 46.27 10.08 4.62
CA LYS C 88 46.91 9.04 5.42
C LYS C 88 47.29 7.87 4.53
N LYS C 89 48.56 7.45 4.60
CA LYS C 89 49.06 6.37 3.74
C LYS C 89 48.18 5.13 3.83
N LYS C 90 47.43 4.97 4.92
CA LYS C 90 46.43 3.91 5.01
C LYS C 90 45.48 3.92 3.81
N LYS C 91 45.05 5.12 3.39
CA LYS C 91 44.12 5.20 2.27
C LYS C 91 44.83 5.03 0.94
N ILE C 92 46.11 5.42 0.86
CA ILE C 92 46.89 5.20 -0.36
C ILE C 92 47.07 3.71 -0.61
N LYS C 93 47.46 2.96 0.43
CA LYS C 93 47.61 1.53 0.29
C LYS C 93 46.29 0.84 -0.03
N ARG C 94 45.17 1.38 0.44
CA ARG C 94 43.89 0.75 0.15
C ARG C 94 43.59 0.82 -1.34
N GLU C 95 43.73 2.00 -1.94
CA GLU C 95 43.49 2.15 -3.37
C GLU C 95 44.46 1.27 -4.16
N ILE C 96 45.73 1.23 -3.74
CA ILE C 96 46.72 0.45 -4.46
C ILE C 96 46.37 -1.03 -4.43
N LYS C 97 46.03 -1.55 -3.25
CA LYS C 97 45.76 -2.98 -3.13
C LYS C 97 44.49 -3.37 -3.89
N ILE C 98 43.47 -2.51 -3.87
CA ILE C 98 42.24 -2.81 -4.61
C ILE C 98 42.50 -2.81 -6.11
N LEU C 99 43.25 -1.82 -6.60
CA LEU C 99 43.58 -1.78 -8.02
C LEU C 99 44.41 -3.00 -8.41
N GLU C 100 45.32 -3.43 -7.54
CA GLU C 100 46.13 -4.59 -7.87
C GLU C 100 45.30 -5.87 -7.83
N ASN C 101 44.38 -5.99 -6.87
CA ASN C 101 43.52 -7.16 -6.79
C ASN C 101 42.59 -7.27 -7.99
N LEU C 102 42.15 -6.13 -8.54
CA LEU C 102 41.15 -6.12 -9.60
C LEU C 102 41.76 -6.14 -10.99
N ARG C 103 43.10 -6.12 -11.10
CA ARG C 103 43.77 -6.02 -12.41
C ARG C 103 43.36 -7.17 -13.31
N GLY C 104 43.04 -6.84 -14.57
CA GLY C 104 42.62 -7.83 -15.54
C GLY C 104 41.13 -8.07 -15.64
N GLY C 105 40.34 -7.56 -14.69
CA GLY C 105 38.91 -7.77 -14.71
C GLY C 105 38.23 -6.91 -15.75
N PRO C 106 37.03 -7.34 -16.17
CA PRO C 106 36.35 -6.65 -17.28
C PRO C 106 36.00 -5.21 -16.92
N ASN C 107 36.46 -4.29 -17.78
CA ASN C 107 36.16 -2.86 -17.73
C ASN C 107 36.69 -2.17 -16.46
N ILE C 108 37.68 -2.78 -15.80
CA ILE C 108 38.40 -2.14 -14.70
C ILE C 108 39.64 -1.45 -15.25
N ILE C 109 39.84 -0.20 -14.84
CA ILE C 109 41.07 0.51 -15.22
C ILE C 109 42.28 -0.26 -14.74
N THR C 110 43.33 -0.28 -15.55
CA THR C 110 44.53 -1.09 -15.29
C THR C 110 45.62 -0.24 -14.65
N LEU C 111 46.02 -0.62 -13.43
CA LEU C 111 47.16 -0.01 -12.78
C LEU C 111 48.45 -0.57 -13.39
N ALA C 112 49.24 0.29 -14.03
CA ALA C 112 50.45 -0.14 -14.72
C ALA C 112 51.71 -0.01 -13.89
N ASP C 113 51.76 0.93 -12.95
CA ASP C 113 52.96 1.22 -12.20
C ASP C 113 52.61 2.11 -11.02
N ILE C 114 53.52 2.16 -10.05
CA ILE C 114 53.39 2.97 -8.85
C ILE C 114 54.75 3.59 -8.61
N VAL C 115 54.82 4.93 -8.60
CA VAL C 115 56.10 5.60 -8.47
C VAL C 115 56.03 6.60 -7.32
N LYS C 116 57.21 7.05 -6.89
CA LYS C 116 57.38 7.99 -5.80
C LYS C 116 58.29 9.13 -6.23
N ASP C 117 57.92 10.36 -5.89
CA ASP C 117 58.79 11.49 -6.14
C ASP C 117 60.08 11.36 -5.32
N PRO C 118 61.26 11.36 -5.95
CA PRO C 118 62.50 11.14 -5.16
C PRO C 118 62.73 12.20 -4.10
N VAL C 119 62.29 13.43 -4.34
CA VAL C 119 62.53 14.53 -3.42
C VAL C 119 61.43 14.58 -2.35
N SER C 120 60.18 14.76 -2.77
CA SER C 120 59.07 14.94 -1.84
C SER C 120 58.46 13.62 -1.37
N ARG C 121 58.80 12.49 -2.01
CA ARG C 121 58.26 11.19 -1.61
C ARG C 121 56.75 11.12 -1.80
N THR C 122 56.22 11.91 -2.73
CA THR C 122 54.80 11.83 -3.02
C THR C 122 54.52 10.65 -3.93
N PRO C 123 53.57 9.79 -3.59
CA PRO C 123 53.21 8.66 -4.46
C PRO C 123 52.37 9.09 -5.66
N ALA C 124 52.55 8.38 -6.77
CA ALA C 124 51.75 8.58 -7.97
C ALA C 124 51.37 7.24 -8.57
N LEU C 125 50.11 7.09 -8.95
CA LEU C 125 49.66 5.89 -9.66
C LEU C 125 49.75 6.12 -11.16
N VAL C 126 50.22 5.10 -11.87
CA VAL C 126 50.32 5.12 -13.32
C VAL C 126 49.31 4.14 -13.89
N PHE C 127 48.43 4.64 -14.76
CA PHE C 127 47.40 3.83 -15.40
C PHE C 127 47.67 3.72 -16.89
N GLU C 128 47.34 2.55 -17.44
CA GLU C 128 47.34 2.40 -18.89
C GLU C 128 46.34 3.38 -19.51
N HIS C 129 46.67 3.86 -20.71
CA HIS C 129 45.99 5.03 -21.23
C HIS C 129 44.54 4.73 -21.59
N VAL C 130 43.66 5.65 -21.22
CA VAL C 130 42.29 5.70 -21.73
C VAL C 130 42.03 7.11 -22.23
N ASN C 131 41.15 7.23 -23.22
CA ASN C 131 40.81 8.54 -23.76
C ASN C 131 40.18 9.42 -22.69
N ASN C 132 40.60 10.70 -22.64
CA ASN C 132 40.10 11.65 -21.65
C ASN C 132 38.67 12.12 -21.94
N THR C 133 37.71 11.20 -21.98
CA THR C 133 36.31 11.57 -22.17
C THR C 133 35.49 10.71 -21.22
N ASP C 134 34.87 11.34 -20.23
CA ASP C 134 34.10 10.59 -19.26
C ASP C 134 32.67 10.41 -19.72
N PHE C 135 31.96 9.49 -19.04
CA PHE C 135 30.60 9.14 -19.44
C PHE C 135 29.68 10.34 -19.36
N LYS C 136 29.98 11.32 -18.51
CA LYS C 136 29.07 12.44 -18.31
C LYS C 136 28.97 13.30 -19.56
N GLN C 137 30.02 13.35 -20.38
CA GLN C 137 29.96 14.15 -21.59
C GLN C 137 29.12 13.50 -22.69
N LEU C 138 28.77 12.24 -22.56
CA LEU C 138 28.10 11.49 -23.62
C LEU C 138 26.71 10.97 -23.26
N TYR C 139 26.43 10.71 -21.98
CA TYR C 139 25.31 9.84 -21.64
C TYR C 139 23.94 10.53 -21.73
N GLN C 140 23.90 11.84 -21.95
CA GLN C 140 22.63 12.50 -22.21
C GLN C 140 22.30 12.55 -23.69
N THR C 141 23.11 11.92 -24.54
CA THR C 141 22.89 11.92 -25.98
C THR C 141 22.79 10.52 -26.56
N LEU C 142 22.67 9.49 -25.73
CA LEU C 142 22.74 8.13 -26.22
C LEU C 142 21.40 7.69 -26.78
N THR C 143 21.46 6.79 -27.76
CA THR C 143 20.27 6.14 -28.24
C THR C 143 19.82 5.11 -27.20
N ASP C 144 18.62 4.58 -27.42
CA ASP C 144 18.10 3.52 -26.56
C ASP C 144 19.03 2.31 -26.57
N TYR C 145 19.53 1.93 -27.75
CA TYR C 145 20.39 0.75 -27.81
C TYR C 145 21.71 0.98 -27.05
N ASP C 146 22.28 2.18 -27.16
CA ASP C 146 23.55 2.47 -26.49
C ASP C 146 23.39 2.59 -24.98
N ILE C 147 22.23 3.05 -24.50
CA ILE C 147 22.02 3.05 -23.06
C ILE C 147 22.09 1.63 -22.52
N ARG C 148 21.39 0.71 -23.17
CA ARG C 148 21.43 -0.68 -22.73
C ARG C 148 22.82 -1.27 -22.86
N PHE C 149 23.53 -0.94 -23.94
CA PHE C 149 24.84 -1.53 -24.18
C PHE C 149 25.83 -1.09 -23.11
N TYR C 150 25.86 0.21 -22.82
CA TYR C 150 26.83 0.73 -21.87
C TYR C 150 26.45 0.43 -20.43
N MET C 151 25.14 0.35 -20.15
CA MET C 151 24.72 -0.15 -18.84
C MET C 151 25.20 -1.58 -18.64
N TYR C 152 25.09 -2.43 -19.66
CA TYR C 152 25.59 -3.80 -19.51
C TYR C 152 27.10 -3.81 -19.29
N GLU C 153 27.84 -2.92 -19.96
CA GLU C 153 29.28 -2.85 -19.76
C GLU C 153 29.63 -2.36 -18.36
N ILE C 154 28.87 -1.39 -17.82
CA ILE C 154 29.11 -0.98 -16.45
C ILE C 154 28.79 -2.11 -15.48
N LEU C 155 27.72 -2.85 -15.75
CA LEU C 155 27.36 -3.97 -14.88
C LEU C 155 28.47 -5.02 -14.86
N LYS C 156 29.12 -5.26 -16.00
CA LYS C 156 30.23 -6.21 -16.01
C LYS C 156 31.30 -5.81 -15.00
N ALA C 157 31.63 -4.52 -14.94
CA ALA C 157 32.62 -4.08 -13.97
C ALA C 157 32.14 -4.28 -12.54
N LEU C 158 30.87 -3.95 -12.27
CA LEU C 158 30.37 -4.02 -10.89
C LEU C 158 30.22 -5.45 -10.43
N ASP C 159 29.68 -6.32 -11.29
CA ASP C 159 29.59 -7.72 -10.87
C ASP C 159 30.98 -8.30 -10.63
N TYR C 160 31.97 -7.90 -11.42
CA TYR C 160 33.31 -8.41 -11.17
C TYR C 160 33.85 -7.93 -9.83
N CYS C 161 33.84 -6.61 -9.59
CA CYS C 161 34.47 -6.12 -8.37
C CYS C 161 33.70 -6.55 -7.14
N HIS C 162 32.38 -6.68 -7.25
CA HIS C 162 31.62 -7.25 -6.13
C HIS C 162 32.03 -8.70 -5.87
N SER C 163 32.17 -9.49 -6.94
CA SER C 163 32.59 -10.89 -6.77
C SER C 163 33.98 -10.99 -6.19
N MET C 164 34.82 -9.96 -6.35
CA MET C 164 36.14 -9.91 -5.73
C MET C 164 36.10 -9.26 -4.34
N GLY C 165 34.91 -9.03 -3.77
CA GLY C 165 34.82 -8.53 -2.41
C GLY C 165 34.94 -7.03 -2.23
N ILE C 166 34.72 -6.27 -3.29
CA ILE C 166 35.01 -4.84 -3.27
C ILE C 166 33.78 -4.07 -3.72
N MET C 167 33.45 -3.03 -2.95
CA MET C 167 32.44 -2.06 -3.36
C MET C 167 33.15 -0.77 -3.76
N HIS C 168 32.70 -0.21 -4.88
CA HIS C 168 33.35 0.95 -5.47
C HIS C 168 33.06 2.21 -4.64
N ARG C 169 31.78 2.43 -4.33
CA ARG C 169 31.25 3.47 -3.45
C ARG C 169 31.29 4.86 -4.06
N ASP C 170 31.66 4.99 -5.33
CA ASP C 170 31.64 6.31 -5.96
C ASP C 170 31.24 6.17 -7.42
N VAL C 171 30.24 5.33 -7.68
CA VAL C 171 29.72 5.13 -9.03
C VAL C 171 28.93 6.38 -9.44
N LYS C 172 29.40 7.04 -10.50
CA LYS C 172 28.78 8.23 -11.07
C LYS C 172 29.36 8.42 -12.47
N PRO C 173 28.69 9.18 -13.33
CA PRO C 173 29.17 9.28 -14.72
C PRO C 173 30.59 9.79 -14.84
N HIS C 174 31.03 10.65 -13.92
CA HIS C 174 32.39 11.18 -13.98
C HIS C 174 33.44 10.08 -13.78
N ASN C 175 33.08 8.96 -13.18
CA ASN C 175 34.01 7.86 -12.88
C ASN C 175 33.90 6.73 -13.89
N VAL C 176 33.33 7.01 -15.06
CA VAL C 176 33.27 6.05 -16.16
C VAL C 176 33.96 6.72 -17.35
N MET C 177 35.08 6.17 -17.79
CA MET C 177 35.74 6.66 -18.99
C MET C 177 35.27 5.83 -20.17
N ILE C 178 34.89 6.51 -21.24
CA ILE C 178 34.30 5.84 -22.39
C ILE C 178 35.08 6.23 -23.64
N ASP C 179 35.50 5.22 -24.40
CA ASP C 179 36.00 5.40 -25.75
C ASP C 179 34.87 4.99 -26.67
N HIS C 180 34.06 5.98 -27.08
CA HIS C 180 32.83 5.68 -27.82
C HIS C 180 33.13 5.14 -29.21
N GLU C 181 34.22 5.59 -29.84
CA GLU C 181 34.55 5.11 -31.17
C GLU C 181 34.77 3.60 -31.17
N HIS C 182 35.48 3.08 -30.18
CA HIS C 182 35.74 1.66 -30.07
C HIS C 182 34.76 0.93 -29.17
N ARG C 183 33.75 1.63 -28.66
CA ARG C 183 32.67 1.03 -27.85
C ARG C 183 33.22 0.32 -26.62
N LYS C 184 34.22 0.92 -25.97
CA LYS C 184 34.77 0.35 -24.76
C LYS C 184 34.66 1.34 -23.61
N LEU C 185 34.63 0.78 -22.40
CA LEU C 185 34.32 1.53 -21.20
C LEU C 185 35.16 1.00 -20.04
N ARG C 186 35.58 1.92 -19.15
CA ARG C 186 36.43 1.58 -18.00
C ARG C 186 35.90 2.30 -16.77
N LEU C 187 35.73 1.55 -15.67
CA LEU C 187 35.37 2.13 -14.38
C LEU C 187 36.65 2.58 -13.67
N ILE C 188 36.73 3.87 -13.30
CA ILE C 188 37.95 4.44 -12.77
C ILE C 188 37.76 5.00 -11.37
N ASP C 189 38.83 5.58 -10.82
CA ASP C 189 38.86 6.25 -9.52
C ASP C 189 38.37 5.37 -8.37
N TRP C 190 39.23 4.44 -7.95
CA TRP C 190 38.94 3.52 -6.86
C TRP C 190 39.40 4.04 -5.51
N GLY C 191 39.53 5.35 -5.34
CA GLY C 191 39.99 5.92 -4.08
C GLY C 191 39.01 5.82 -2.93
N LEU C 192 37.71 5.65 -3.21
CA LEU C 192 36.74 5.46 -2.15
C LEU C 192 36.33 4.01 -1.97
N ALA C 193 36.86 3.11 -2.80
CA ALA C 193 36.46 1.71 -2.71
C ALA C 193 36.90 1.10 -1.39
N GLU C 194 36.15 0.11 -0.92
CA GLU C 194 36.47 -0.62 0.31
C GLU C 194 36.22 -2.09 0.08
N PHE C 195 36.82 -2.90 0.94
CA PHE C 195 36.53 -4.34 0.99
C PHE C 195 35.25 -4.56 1.77
N TYR C 196 34.37 -5.40 1.25
CA TYR C 196 33.19 -5.75 2.02
C TYR C 196 33.52 -6.86 3.00
N HIS C 197 33.22 -6.62 4.28
CA HIS C 197 33.34 -7.62 5.34
C HIS C 197 32.02 -7.63 6.08
N PRO C 198 31.42 -8.81 6.28
CA PRO C 198 30.10 -8.87 6.95
C PRO C 198 30.14 -8.28 8.36
N GLY C 199 29.10 -7.50 8.68
CA GLY C 199 28.96 -6.86 9.96
C GLY C 199 29.73 -5.57 10.14
N GLN C 200 30.51 -5.17 9.16
CA GLN C 200 31.33 -3.97 9.31
C GLN C 200 30.46 -2.73 9.15
N GLU C 201 30.74 -1.72 9.95
CA GLU C 201 30.05 -0.44 9.89
C GLU C 201 30.96 0.56 9.20
N TYR C 202 30.52 1.08 8.06
CA TYR C 202 31.33 1.91 7.19
C TYR C 202 31.01 3.39 7.36
N ASN C 203 31.93 4.21 6.89
CA ASN C 203 31.68 5.64 6.87
C ASN C 203 30.59 5.93 5.85
N VAL C 204 29.55 6.65 6.27
CA VAL C 204 28.47 6.97 5.32
C VAL C 204 28.78 8.22 4.52
N ARG C 205 29.86 8.93 4.84
CA ARG C 205 30.23 10.12 4.06
C ARG C 205 31.07 9.71 2.85
N VAL C 206 30.45 8.93 1.97
CA VAL C 206 31.05 8.48 0.74
C VAL C 206 30.11 8.81 -0.42
N ALA C 207 30.59 8.58 -1.64
CA ALA C 207 29.86 8.85 -2.89
C ALA C 207 29.59 10.34 -3.09
N SER C 208 29.15 10.74 -4.29
CA SER C 208 28.72 12.11 -4.54
C SER C 208 27.25 12.27 -4.24
N ARG C 209 26.88 13.50 -3.83
CA ARG C 209 25.55 13.76 -3.25
C ARG C 209 24.43 13.16 -4.09
N TYR C 210 24.42 13.44 -5.41
CA TYR C 210 23.30 13.01 -6.22
C TYR C 210 23.19 11.51 -6.34
N PHE C 211 24.26 10.77 -6.03
CA PHE C 211 24.30 9.32 -6.20
C PHE C 211 24.35 8.59 -4.87
N LYS C 212 24.20 9.32 -3.76
CA LYS C 212 24.18 8.69 -2.45
C LYS C 212 22.90 7.90 -2.25
N GLY C 213 23.04 6.62 -1.87
CA GLY C 213 21.91 5.79 -1.53
C GLY C 213 21.26 6.23 -0.23
N PRO C 214 20.00 5.87 -0.06
CA PRO C 214 19.29 6.21 1.18
C PRO C 214 20.00 5.75 2.43
N GLU C 215 20.72 4.61 2.40
CA GLU C 215 21.46 4.17 3.58
C GLU C 215 22.49 5.20 4.01
N LEU C 216 23.13 5.86 3.05
CA LEU C 216 24.09 6.89 3.42
C LEU C 216 23.40 8.12 4.00
N LEU C 217 22.22 8.47 3.47
CA LEU C 217 21.53 9.69 3.90
C LEU C 217 20.85 9.54 5.26
N VAL C 218 20.35 8.34 5.60
CA VAL C 218 19.77 8.13 6.92
C VAL C 218 20.80 7.57 7.90
N ASP C 219 22.05 7.43 7.48
CA ASP C 219 23.16 7.04 8.36
C ASP C 219 23.00 5.59 8.82
N TYR C 220 22.79 4.68 7.87
CA TYR C 220 22.79 3.25 8.15
C TYR C 220 24.13 2.70 7.68
N GLN C 221 24.98 2.28 8.62
CA GLN C 221 26.38 2.04 8.33
C GLN C 221 26.69 0.63 7.87
N MET C 222 25.81 -0.33 8.11
CA MET C 222 26.11 -1.71 7.75
C MET C 222 25.64 -2.02 6.32
N TYR C 223 26.14 -1.22 5.38
CA TYR C 223 25.72 -1.34 3.98
C TYR C 223 26.69 -2.24 3.21
N ASP C 224 26.47 -2.41 1.91
CA ASP C 224 27.25 -3.40 1.17
C ASP C 224 27.28 -3.02 -0.31
N TYR C 225 27.50 -4.02 -1.18
CA TYR C 225 27.62 -3.77 -2.61
C TYR C 225 26.37 -3.12 -3.18
N SER C 226 25.22 -3.31 -2.54
CA SER C 226 23.98 -2.77 -3.06
C SER C 226 24.00 -1.25 -3.13
N LEU C 227 24.89 -0.60 -2.39
CA LEU C 227 25.06 0.84 -2.52
C LEU C 227 25.37 1.23 -3.97
N ASP C 228 26.26 0.46 -4.62
CA ASP C 228 26.62 0.75 -6.00
C ASP C 228 25.44 0.57 -6.94
N MET C 229 24.49 -0.30 -6.61
CA MET C 229 23.34 -0.51 -7.48
C MET C 229 22.35 0.63 -7.37
N TRP C 230 22.24 1.26 -6.19
CA TRP C 230 21.47 2.50 -6.11
C TRP C 230 22.08 3.55 -7.02
N SER C 231 23.40 3.76 -6.91
CA SER C 231 24.08 4.74 -7.75
C SER C 231 23.86 4.46 -9.23
N LEU C 232 23.91 3.19 -9.61
CA LEU C 232 23.65 2.81 -11.00
C LEU C 232 22.23 3.16 -11.41
N GLY C 233 21.27 2.95 -10.50
CA GLY C 233 19.89 3.33 -10.79
C GLY C 233 19.71 4.82 -11.04
N CYS C 234 20.46 5.65 -10.32
CA CYS C 234 20.42 7.09 -10.55
C CYS C 234 20.96 7.46 -11.93
N MET C 235 22.05 6.80 -12.34
CA MET C 235 22.57 7.01 -13.69
C MET C 235 21.53 6.62 -14.74
N LEU C 236 20.90 5.46 -14.55
CA LEU C 236 19.92 4.97 -15.53
C LEU C 236 18.74 5.94 -15.66
N ALA C 237 18.18 6.35 -14.52
CA ALA C 237 17.07 7.29 -14.54
C ALA C 237 17.47 8.58 -15.24
N SER C 238 18.67 9.07 -14.96
CA SER C 238 19.15 10.29 -15.60
C SER C 238 19.19 10.13 -17.11
N MET C 239 19.59 8.95 -17.58
CA MET C 239 19.75 8.70 -19.02
C MET C 239 18.40 8.51 -19.70
N ILE C 240 17.52 7.65 -19.15
CA ILE C 240 16.28 7.40 -19.90
C ILE C 240 15.32 8.58 -19.80
N PHE C 241 15.41 9.37 -18.74
CA PHE C 241 14.51 10.52 -18.61
C PHE C 241 15.15 11.81 -19.08
N ARG C 242 16.44 11.79 -19.41
CA ARG C 242 17.16 12.99 -19.84
C ARG C 242 17.03 14.09 -18.78
N LYS C 243 17.37 13.75 -17.55
CA LYS C 243 17.27 14.69 -16.43
C LYS C 243 18.50 14.51 -15.56
N GLU C 244 19.28 15.58 -15.44
CA GLU C 244 20.62 15.49 -14.89
C GLU C 244 20.80 16.54 -13.80
N PRO C 245 20.98 16.14 -12.53
CA PRO C 245 20.92 14.77 -11.99
C PRO C 245 19.45 14.38 -11.81
N PHE C 246 19.13 13.10 -11.62
CA PHE C 246 17.73 12.73 -11.46
C PHE C 246 17.19 13.16 -10.10
N PHE C 247 17.96 12.95 -9.02
CA PHE C 247 17.63 13.42 -7.68
C PHE C 247 18.54 14.61 -7.38
N HIS C 248 17.99 15.82 -7.34
CA HIS C 248 18.79 17.04 -7.37
C HIS C 248 18.68 17.78 -6.03
N GLY C 249 19.34 17.24 -5.01
CA GLY C 249 19.28 17.85 -3.70
C GLY C 249 20.22 19.04 -3.56
N HIS C 250 19.81 19.99 -2.71
CA HIS C 250 20.64 21.15 -2.35
C HIS C 250 21.77 20.78 -1.39
N ASP C 251 21.58 19.73 -0.62
CA ASP C 251 22.55 19.26 0.38
C ASP C 251 22.15 17.83 0.75
N ASN C 252 22.81 17.26 1.74
CA ASN C 252 22.54 15.85 2.07
C ASN C 252 21.14 15.65 2.63
N TYR C 253 20.59 16.63 3.35
CA TYR C 253 19.22 16.49 3.85
C TYR C 253 18.19 16.61 2.74
N ASP C 254 18.31 17.65 1.92
CA ASP C 254 17.38 17.83 0.81
C ASP C 254 17.46 16.67 -0.18
N GLN C 255 18.63 16.02 -0.25
CA GLN C 255 18.79 14.88 -1.16
C GLN C 255 17.79 13.77 -0.83
N LEU C 256 17.61 13.46 0.45
CA LEU C 256 16.59 12.48 0.83
C LEU C 256 15.18 12.97 0.50
N VAL C 257 14.91 14.27 0.66
CA VAL C 257 13.60 14.82 0.30
C VAL C 257 13.32 14.63 -1.20
N ARG C 258 14.31 14.92 -2.03
CA ARG C 258 14.13 14.73 -3.47
C ARG C 258 13.80 13.29 -3.78
N ILE C 259 14.46 12.36 -3.10
CA ILE C 259 14.17 10.94 -3.31
C ILE C 259 12.75 10.62 -2.84
N ALA C 260 12.37 11.11 -1.66
CA ALA C 260 11.06 10.80 -1.10
C ALA C 260 9.93 11.35 -1.96
N LYS C 261 10.15 12.46 -2.67
CA LYS C 261 9.12 13.01 -3.54
C LYS C 261 8.84 12.14 -4.74
N VAL C 262 9.69 11.16 -5.01
CA VAL C 262 9.52 10.23 -6.12
C VAL C 262 9.06 8.86 -5.62
N LEU C 263 9.81 8.27 -4.68
CA LEU C 263 9.49 6.95 -4.16
C LEU C 263 8.43 6.98 -3.07
N GLY C 264 8.03 8.15 -2.60
CA GLY C 264 7.05 8.26 -1.53
C GLY C 264 7.66 8.07 -0.15
N THR C 265 6.97 8.60 0.85
CA THR C 265 7.44 8.50 2.22
C THR C 265 7.02 7.22 2.93
N GLU C 266 5.97 6.55 2.45
CA GLU C 266 5.52 5.33 3.10
C GLU C 266 6.64 4.30 3.15
N ASP C 267 7.27 4.02 2.01
CA ASP C 267 8.35 3.04 1.97
C ASP C 267 9.62 3.53 2.64
N LEU C 268 9.82 4.84 2.74
CA LEU C 268 10.95 5.35 3.51
C LEU C 268 10.79 4.95 4.96
N TYR C 269 9.60 5.19 5.51
CA TYR C 269 9.38 4.89 6.91
C TYR C 269 9.27 3.39 7.18
N ASP C 270 8.79 2.59 6.23
CA ASP C 270 8.90 1.13 6.39
C ASP C 270 10.37 0.70 6.47
N TYR C 271 11.23 1.32 5.65
CA TYR C 271 12.65 1.02 5.67
C TYR C 271 13.27 1.36 7.02
N ILE C 272 13.00 2.56 7.52
CA ILE C 272 13.55 3.01 8.79
C ILE C 272 13.07 2.10 9.91
N ASP C 273 11.80 1.71 9.87
CA ASP C 273 11.26 0.84 10.90
C ASP C 273 11.88 -0.54 10.85
N LYS C 274 12.09 -1.07 9.63
CA LYS C 274 12.59 -2.42 9.49
C LYS C 274 13.97 -2.57 10.12
N TYR C 275 14.85 -1.60 9.91
CA TYR C 275 16.21 -1.67 10.43
C TYR C 275 16.38 -0.89 11.72
N ASN C 276 15.28 -0.38 12.27
CA ASN C 276 15.32 0.33 13.54
C ASN C 276 16.34 1.45 13.50
N ILE C 277 16.29 2.21 12.41
CA ILE C 277 17.24 3.29 12.16
C ILE C 277 16.82 4.54 12.94
N GLU C 278 17.80 5.22 13.54
CA GLU C 278 17.57 6.47 14.26
C GLU C 278 17.68 7.60 13.25
N LEU C 279 16.53 8.11 12.81
CA LEU C 279 16.55 9.18 11.83
C LEU C 279 16.97 10.49 12.51
N ASP C 280 17.98 11.15 11.94
CA ASP C 280 18.39 12.46 12.38
C ASP C 280 17.14 13.34 12.57
N PRO C 281 16.96 13.95 13.75
CA PRO C 281 15.71 14.69 14.01
C PRO C 281 15.44 15.87 13.07
N ARG C 282 16.46 16.41 12.37
CA ARG C 282 16.20 17.48 11.40
C ARG C 282 15.39 17.04 10.20
N PHE C 283 15.31 15.74 9.92
CA PHE C 283 14.57 15.30 8.74
C PHE C 283 13.06 15.49 8.90
N ASN C 284 12.54 15.45 10.12
CA ASN C 284 11.08 15.45 10.24
C ASN C 284 10.49 16.73 9.67
N ASP C 285 11.20 17.86 9.81
CA ASP C 285 10.67 19.15 9.39
C ASP C 285 10.66 19.34 7.87
N ILE C 286 11.39 18.54 7.11
CA ILE C 286 11.49 18.72 5.67
C ILE C 286 10.92 17.56 4.90
N LEU C 287 10.65 16.43 5.54
CA LEU C 287 10.16 15.27 4.79
C LEU C 287 8.67 15.41 4.50
N GLY C 288 7.86 15.56 5.53
CA GLY C 288 6.43 15.61 5.34
C GLY C 288 5.89 14.26 4.87
N ARG C 289 4.84 14.31 4.05
CA ARG C 289 4.20 13.12 3.46
C ARG C 289 4.14 13.26 1.94
N HIS C 290 4.57 12.22 1.23
CA HIS C 290 4.54 12.22 -0.22
C HIS C 290 4.07 10.87 -0.73
N SER C 291 3.20 10.89 -1.74
N SER C 291 3.19 10.89 -1.73
CA SER C 291 2.82 9.66 -2.41
CA SER C 291 2.80 9.66 -2.42
C SER C 291 3.96 9.18 -3.31
C SER C 291 3.93 9.19 -3.34
N ARG C 292 3.92 7.90 -3.66
CA ARG C 292 4.85 7.38 -4.65
C ARG C 292 4.41 7.89 -6.02
N LYS C 293 5.34 8.45 -6.79
CA LYS C 293 5.04 8.88 -8.14
C LYS C 293 5.28 7.73 -9.10
N ARG C 294 4.31 7.46 -9.96
CA ARG C 294 4.54 6.43 -10.97
C ARG C 294 5.59 6.91 -11.98
N TRP C 295 6.43 5.97 -12.44
CA TRP C 295 7.57 6.34 -13.28
C TRP C 295 7.13 7.01 -14.57
N GLU C 296 5.92 6.70 -15.04
CA GLU C 296 5.43 7.32 -16.26
C GLU C 296 5.31 8.82 -16.13
N ARG C 297 5.22 9.35 -14.91
CA ARG C 297 5.09 10.80 -14.72
C ARG C 297 6.30 11.57 -15.22
N PHE C 298 7.45 10.90 -15.43
CA PHE C 298 8.64 11.59 -15.91
C PHE C 298 8.82 11.48 -17.43
N VAL C 299 7.90 10.83 -18.12
CA VAL C 299 8.00 10.68 -19.56
C VAL C 299 7.44 11.91 -20.26
N HIS C 300 8.15 12.38 -21.27
CA HIS C 300 7.66 13.47 -22.12
C HIS C 300 8.23 13.27 -23.52
N SER C 301 7.99 14.25 -24.40
CA SER C 301 8.26 14.05 -25.83
C SER C 301 9.74 13.99 -26.15
N GLU C 302 10.59 14.53 -25.27
CA GLU C 302 12.02 14.49 -25.51
C GLU C 302 12.70 13.31 -24.84
N ASN C 303 11.97 12.42 -24.14
CA ASN C 303 12.60 11.21 -23.64
C ASN C 303 11.80 9.94 -23.87
N GLN C 304 10.59 10.02 -24.44
CA GLN C 304 9.72 8.84 -24.49
C GLN C 304 10.31 7.70 -25.32
N HIS C 305 11.15 8.01 -26.31
CA HIS C 305 11.77 6.97 -27.11
C HIS C 305 12.78 6.13 -26.32
N LEU C 306 13.27 6.62 -25.18
CA LEU C 306 14.19 5.87 -24.34
C LEU C 306 13.50 5.07 -23.24
N VAL C 307 12.20 5.26 -23.06
CA VAL C 307 11.44 4.65 -21.97
C VAL C 307 10.59 3.52 -22.53
N SER C 308 10.63 2.38 -21.88
CA SER C 308 9.84 1.23 -22.30
C SER C 308 9.36 0.54 -21.04
N PRO C 309 8.38 -0.38 -21.13
CA PRO C 309 8.01 -1.15 -19.93
C PRO C 309 9.19 -1.86 -19.29
N GLU C 310 10.07 -2.45 -20.10
CA GLU C 310 11.21 -3.18 -19.55
C GLU C 310 12.22 -2.24 -18.89
N ALA C 311 12.41 -1.03 -19.43
CA ALA C 311 13.28 -0.06 -18.77
C ALA C 311 12.70 0.38 -17.41
N LEU C 312 11.40 0.63 -17.34
CA LEU C 312 10.81 1.08 -16.08
C LEU C 312 10.83 -0.02 -15.04
N ASP C 313 10.59 -1.27 -15.46
CA ASP C 313 10.66 -2.38 -14.52
C ASP C 313 12.07 -2.55 -13.97
N PHE C 314 13.06 -2.42 -14.85
CA PHE C 314 14.46 -2.51 -14.41
C PHE C 314 14.77 -1.39 -13.44
N LEU C 315 14.43 -0.15 -13.80
CA LEU C 315 14.70 0.98 -12.93
C LEU C 315 14.00 0.81 -11.58
N ASP C 316 12.75 0.39 -11.60
CA ASP C 316 11.97 0.27 -10.36
C ASP C 316 12.60 -0.73 -9.41
N LYS C 317 13.33 -1.71 -9.94
CA LYS C 317 13.98 -2.75 -9.15
C LYS C 317 15.36 -2.38 -8.68
N LEU C 318 15.93 -1.28 -9.20
CA LEU C 318 17.18 -0.71 -8.68
C LEU C 318 16.93 0.34 -7.60
N LEU C 319 15.97 1.24 -7.82
CA LEU C 319 15.76 2.36 -6.91
C LEU C 319 14.74 1.95 -5.85
N ARG C 320 15.23 1.19 -4.86
CA ARG C 320 14.47 0.76 -3.68
C ARG C 320 15.14 1.32 -2.44
N TYR C 321 14.35 1.82 -1.48
CA TYR C 321 14.93 2.25 -0.23
C TYR C 321 15.74 1.12 0.42
N ASP C 322 15.12 -0.05 0.54
CA ASP C 322 15.75 -1.18 1.22
C ASP C 322 16.85 -1.74 0.34
N HIS C 323 18.11 -1.50 0.74
CA HIS C 323 19.26 -1.95 -0.04
C HIS C 323 19.20 -3.44 -0.34
N GLN C 324 18.62 -4.23 0.59
CA GLN C 324 18.51 -5.67 0.42
C GLN C 324 17.57 -6.05 -0.73
N SER C 325 16.57 -5.23 -1.02
N SER C 325 16.59 -5.22 -1.04
CA SER C 325 15.62 -5.53 -2.08
CA SER C 325 15.60 -5.52 -2.06
C SER C 325 16.16 -5.25 -3.47
C SER C 325 16.03 -5.05 -3.46
N ARG C 326 17.17 -4.39 -3.59
CA ARG C 326 17.69 -4.01 -4.89
C ARG C 326 18.27 -5.22 -5.63
N LEU C 327 18.12 -5.21 -6.95
CA LEU C 327 18.80 -6.20 -7.77
C LEU C 327 20.30 -6.16 -7.50
N THR C 328 20.90 -7.34 -7.43
CA THR C 328 22.35 -7.41 -7.46
C THR C 328 22.82 -7.13 -8.88
N ALA C 329 24.14 -6.93 -9.03
CA ALA C 329 24.68 -6.68 -10.37
C ALA C 329 24.43 -7.87 -11.30
N ARG C 330 24.60 -9.09 -10.80
CA ARG C 330 24.37 -10.27 -11.61
C ARG C 330 22.89 -10.41 -12.01
N GLU C 331 21.99 -10.28 -11.03
CA GLU C 331 20.55 -10.29 -11.32
C GLU C 331 20.17 -9.23 -12.35
N ALA C 332 20.76 -8.03 -12.24
CA ALA C 332 20.44 -6.98 -13.20
C ALA C 332 20.84 -7.38 -14.62
N MET C 333 21.99 -8.06 -14.77
CA MET C 333 22.42 -8.49 -16.10
C MET C 333 21.48 -9.50 -16.72
N GLU C 334 20.68 -10.19 -15.91
CA GLU C 334 19.69 -11.15 -16.40
C GLU C 334 18.34 -10.51 -16.71
N HIS C 335 18.19 -9.22 -16.47
CA HIS C 335 16.91 -8.59 -16.70
C HIS C 335 16.58 -8.56 -18.20
N PRO C 336 15.31 -8.70 -18.55
CA PRO C 336 14.92 -8.62 -19.98
C PRO C 336 15.33 -7.32 -20.66
N TYR C 337 15.61 -6.26 -19.90
CA TYR C 337 16.06 -5.01 -20.51
C TYR C 337 17.29 -5.23 -21.38
N PHE C 338 18.09 -6.27 -21.09
CA PHE C 338 19.35 -6.52 -21.79
C PHE C 338 19.29 -7.70 -22.76
N TYR C 339 18.11 -8.25 -23.05
CA TYR C 339 18.06 -9.46 -23.88
C TYR C 339 18.70 -9.23 -25.23
N THR C 340 18.44 -8.09 -25.86
CA THR C 340 18.97 -7.82 -27.20
C THR C 340 20.48 -7.59 -27.18
N VAL C 341 20.98 -6.89 -26.16
CA VAL C 341 22.42 -6.70 -26.03
C VAL C 341 23.11 -8.04 -25.87
N VAL C 342 22.50 -8.95 -25.10
CA VAL C 342 23.09 -10.27 -24.85
C VAL C 342 23.11 -11.11 -26.13
N LYS C 343 22.01 -11.11 -26.91
CA LYS C 343 22.04 -11.83 -28.18
C LYS C 343 23.11 -11.28 -29.11
N ASP C 344 23.13 -9.95 -29.28
CA ASP C 344 24.08 -9.37 -30.23
C ASP C 344 25.52 -9.57 -29.77
N GLN C 345 25.74 -9.76 -28.47
CA GLN C 345 27.09 -10.03 -27.99
C GLN C 345 27.57 -11.41 -28.41
N ALA C 346 26.65 -12.34 -28.60
CA ALA C 346 26.97 -13.71 -28.96
C ALA C 346 26.81 -13.94 -30.46
N ALA D 1 -30.26 -7.89 24.41
CA ALA D 1 -29.66 -7.82 23.07
C ALA D 1 -30.30 -8.92 22.22
N SFE D 2 -30.99 -8.51 20.98
O SFE D 2 -33.96 -7.49 21.40
CZ SFE D 2 -29.17 -10.27 16.62
CE2 SFE D 2 -28.85 -9.18 17.45
CE1 SFE D 2 -30.26 -11.10 16.92
CD2 SFE D 2 -29.63 -8.93 18.59
CD1 SFE D 2 -31.05 -10.82 18.03
CA SFE D 2 -32.91 -8.79 19.66
C SFE D 2 -33.70 -8.55 20.99
CG SFE D 2 -30.73 -9.76 18.88
CB SFE D 2 -31.62 -9.47 20.10
N MET D 3 -34.14 -9.76 21.75
CA MET D 3 -34.89 -9.64 23.02
C MET D 3 -33.91 -8.93 24.03
N VAL D 4 -34.46 -8.02 25.03
CA VAL D 4 -33.58 -7.38 25.99
C VAL D 4 -32.83 -8.50 26.69
CG A1ICB D 5 -29.27 -8.53 27.95
CB A1ICB D 5 -29.64 -6.91 27.75
CA A1ICB D 5 -30.60 -6.88 26.80
C A1ICB D 5 -29.99 -6.83 25.40
C01 A1ICB D 5 -24.54 -12.36 24.77
C02 A1ICB D 5 -24.80 -10.82 24.87
C03 A1ICB D 5 -25.70 -10.35 25.83
C04 A1ICB D 5 -25.93 -8.98 25.92
C05 A1ICB D 5 -25.27 -8.09 25.04
C07 A1ICB D 5 -24.36 -8.57 24.09
C08 A1ICB D 5 -24.12 -9.96 24.02
C09 A1ICB D 5 -26.95 -8.48 27.01
CD A1ICB D 5 -30.43 -9.25 27.78
N11 A1ICB D 5 -28.32 -8.97 26.96
N A1ICB D 5 -31.40 -8.26 27.05
O10 A1ICB D 5 -26.63 -7.73 27.86
O A1ICB D 5 -29.28 -5.92 25.13
CL06 A1ICB D 5 -25.54 -6.30 25.13
N ALA E 1 -29.74 -0.77 25.87
CA ALA E 1 -28.82 -0.61 24.75
C ALA E 1 -27.76 0.44 25.12
N SFE E 2 -26.36 -0.03 25.22
O SFE E 2 -25.21 -1.70 27.81
CZ SFE E 2 -23.12 2.12 21.95
CE2 SFE E 2 -24.19 1.23 21.84
CE1 SFE E 2 -22.72 2.58 23.20
CD2 SFE E 2 -24.87 0.81 22.99
CD1 SFE E 2 -23.39 2.15 24.36
CA SFE E 2 -24.21 -0.10 26.31
C SFE E 2 -24.99 -0.56 27.57
CG SFE E 2 -24.47 1.27 24.25
CB SFE E 2 -25.19 0.78 25.54
N MET E 3 -25.50 0.49 28.47
CA MET E 3 -26.28 0.11 29.68
C MET E 3 -27.65 -0.39 29.10
N VAL E 4 -28.27 -1.55 29.74
CA VAL E 4 -29.56 -2.07 29.27
C VAL E 4 -30.52 -0.89 29.24
CG A1ICB E 5 -33.35 -0.17 26.86
CB A1ICB E 5 -33.02 -1.80 26.65
CA A1ICB E 5 -31.75 -1.98 27.02
C A1ICB E 5 -30.77 -1.83 25.84
C01 A1ICB E 5 -32.56 4.57 22.01
C02 A1ICB E 5 -32.62 3.01 21.96
C03 A1ICB E 5 -33.03 2.32 23.10
C04 A1ICB E 5 -33.08 0.93 23.08
C05 A1ICB E 5 -32.71 0.19 21.94
C07 A1ICB E 5 -32.29 0.89 20.79
C08 A1ICB E 5 -32.25 2.30 20.81
C09 A1ICB E 5 -33.56 0.21 24.40
CD A1ICB E 5 -32.63 0.25 27.95
N11 A1ICB E 5 -32.89 0.52 25.68
N A1ICB E 5 -31.54 -0.85 28.16
O10 A1ICB E 5 -34.45 -0.56 24.33
O A1ICB E 5 -30.83 -2.57 24.90
CL06 A1ICB E 5 -32.76 -1.63 21.90
N ALA F 1 59.08 17.57 -15.61
CA ALA F 1 58.29 17.00 -14.51
C ALA F 1 58.01 15.51 -14.80
N SFE F 2 58.16 14.48 -13.75
O SFE F 2 61.06 13.55 -13.95
CZ SFE F 2 54.71 11.57 -11.57
CE2 SFE F 2 55.07 12.93 -11.49
CE1 SFE F 2 55.37 10.72 -12.44
CD2 SFE F 2 56.10 13.42 -12.29
CD1 SFE F 2 56.39 11.21 -13.25
CA SFE F 2 59.11 12.20 -13.78
C SFE F 2 60.38 12.78 -14.51
CG SFE F 2 56.76 12.56 -13.18
CB SFE F 2 57.89 13.09 -14.06
N MET F 3 60.67 12.37 -15.93
CA MET F 3 61.88 12.93 -16.63
C MET F 3 61.58 14.47 -16.73
N VAL F 4 62.68 15.45 -16.65
CA VAL F 4 62.40 16.89 -16.73
C VAL F 4 61.52 17.22 -17.93
CG A1ICB F 5 59.08 20.13 -18.40
CB A1ICB F 5 60.01 20.60 -17.07
CA A1ICB F 5 60.58 19.49 -16.58
C A1ICB F 5 59.76 18.88 -15.43
C01 A1ICB F 5 52.51 18.32 -18.18
C02 A1ICB F 5 53.42 19.14 -17.22
C03 A1ICB F 5 54.68 19.58 -17.66
C04 A1ICB F 5 55.48 20.33 -16.79
C05 A1ICB F 5 55.06 20.62 -15.48
C07 A1ICB F 5 53.80 20.17 -15.05
C08 A1ICB F 5 52.98 19.43 -15.92
C09 A1ICB F 5 56.89 20.81 -17.28
CD A1ICB F 5 59.67 19.02 -18.95
N11 A1ICB F 5 57.76 19.79 -17.93
N A1ICB F 5 60.65 18.46 -17.84
O10 A1ICB F 5 57.24 21.93 -17.14
O A1ICB F 5 59.66 19.47 -14.39
CL06 A1ICB F 5 56.11 21.56 -14.35
N NIO G . -20.85 -21.17 13.86
C1 NIO G . -20.62 -20.63 12.67
C2 NIO G . -21.28 -20.97 11.49
C3 NIO G . -22.27 -21.94 11.59
C4 NIO G . -22.53 -22.52 12.83
C5 NIO G . -21.80 -22.10 13.94
C6 NIO G . -20.91 -20.28 10.16
O1 NIO G . -20.08 -19.35 10.26
O2 NIO G . -21.43 -20.69 9.09
S SO4 H . -3.25 -13.27 2.64
O1 SO4 H . -4.47 -14.05 2.21
O2 SO4 H . -2.35 -14.15 3.47
O3 SO4 H . -2.49 -12.80 1.42
O4 SO4 H . -3.70 -12.08 3.43
S SO4 I . -13.23 -12.14 -2.22
O1 SO4 I . -13.76 -12.74 -0.93
O2 SO4 I . -11.74 -12.30 -2.20
O3 SO4 I . -13.76 -12.81 -3.44
O4 SO4 I . -13.61 -10.69 -2.34
S SO4 J . -15.66 -20.93 -22.26
O1 SO4 J . -17.09 -20.48 -22.31
O2 SO4 J . -15.55 -22.15 -21.37
O3 SO4 J . -15.19 -21.28 -23.65
O4 SO4 J . -14.83 -19.82 -21.70
S SO4 K . -31.87 -27.06 -6.96
O1 SO4 K . -33.18 -27.75 -7.23
O2 SO4 K . -31.68 -26.84 -5.48
O3 SO4 K . -30.77 -27.92 -7.50
O4 SO4 K . -31.84 -25.72 -7.64
NA NA L . -24.50 -7.51 0.20
N NIO M . -24.24 14.31 15.01
C1 NIO M . -23.20 14.00 14.23
C2 NIO M . -21.87 14.27 14.55
C3 NIO M . -21.62 14.94 15.75
C4 NIO M . -22.68 15.27 16.58
C5 NIO M . -23.96 14.94 16.16
C6 NIO M . -20.73 13.92 13.60
O1 NIO M . -21.06 13.33 12.54
O2 NIO M . -19.56 14.25 13.96
S SO4 N . -11.31 9.66 0.48
O1 SO4 N . -12.03 9.07 1.66
O2 SO4 N . -10.45 8.64 -0.20
O3 SO4 N . -12.34 10.21 -0.47
O4 SO4 N . -10.41 10.76 0.93
S SO4 O . -19.78 12.09 -6.38
O1 SO4 O . -21.11 12.80 -6.29
O2 SO4 O . -18.94 12.55 -5.21
O3 SO4 O . -19.95 10.59 -6.28
O4 SO4 O . -19.11 12.41 -7.69
S SO4 P . 7.52 22.30 -2.41
O1 SO4 P . 7.59 22.71 -3.86
O2 SO4 P . 6.25 22.81 -1.78
O3 SO4 P . 7.50 20.80 -2.30
O4 SO4 P . 8.73 22.86 -1.69
NA NA Q . 3.10 27.57 10.86
N NIO R . 41.90 9.43 -14.78
C1 NIO R . 41.76 9.05 -13.51
C2 NIO R . 41.75 7.72 -13.07
C3 NIO R . 41.92 6.75 -14.07
C4 NIO R . 42.07 7.12 -15.39
C5 NIO R . 42.05 8.48 -15.70
C6 NIO R . 41.58 7.36 -11.59
O1 NIO R . 41.49 8.33 -10.81
O2 NIO R . 41.52 6.14 -11.30
S SO4 S . 36.69 6.05 4.38
O1 SO4 S . 36.01 7.15 5.13
O2 SO4 S . 35.76 4.88 4.36
O3 SO4 S . 37.03 6.51 2.99
O4 SO4 S . 37.97 5.71 5.09
S SO4 T . 29.67 14.31 2.36
O1 SO4 T . 28.73 15.22 1.62
O2 SO4 T . 28.98 13.71 3.56
O3 SO4 T . 30.12 13.20 1.44
O4 SO4 T . 30.87 15.09 2.83
S SO4 U . 27.84 -13.78 10.52
O1 SO4 U . 27.87 -13.19 9.13
O2 SO4 U . 26.44 -14.13 10.90
O3 SO4 U . 28.68 -15.02 10.56
O4 SO4 U . 28.39 -12.76 11.50
#